data_7O3B
#
_entry.id   7O3B
#
_cell.length_a   70.615
_cell.length_b   127.741
_cell.length_c   218.881
_cell.angle_alpha   90.000
_cell.angle_beta   90.000
_cell.angle_gamma   90.000
#
_symmetry.space_group_name_H-M   'C 2 2 21'
#
loop_
_entity.id
_entity.type
_entity.pdbx_description
1 polymer 'Nanobody 36Z'
2 polymer 'Tau-tubulin kinase 2,Centrosomal protein of 164 kDa'
3 water water
#
loop_
_entity_poly.entity_id
_entity_poly.type
_entity_poly.pdbx_seq_one_letter_code
_entity_poly.pdbx_strand_id
1 'polypeptide(L)'
;GPLGSMGQVQLQESGGGLVQAGGSLNLSCVASGSSHFNSMGWYRQAPGKQRDLVADISNDGVTNYADSVKDRFTISTNNA
KNAVYLQMNNLKPEDTAVYYCNAVAVAGRAFSYWGQGTQVTVSSAA
;
A,B,C
2 'polypeptide(L)'
;GPLGSFPRPPPGKPPTRPGAGSGAGSMAGRPLRIGDQLVLEEDYDETYIPSEQEILEFAREIGIDPIKEPELMWLAREGI
VAPLPGEWKPCQDITGDIYYFNFANGQSMWDHPCDEHYRSLVIQERAKLSTSGAI
;
G,H,I
#
# COMPACT_ATOMS: atom_id res chain seq x y z
N SER A 5 -2.56 22.34 -19.56
CA SER A 5 -3.03 23.71 -19.82
C SER A 5 -2.78 24.63 -18.62
N MET A 6 -2.90 25.93 -18.85
CA MET A 6 -2.67 26.92 -17.80
C MET A 6 -3.96 27.32 -17.10
N GLY A 7 -5.00 27.59 -17.87
CA GLY A 7 -6.28 27.98 -17.32
C GLY A 7 -7.21 26.79 -17.22
N GLN A 8 -8.04 26.82 -16.17
CA GLN A 8 -9.07 25.82 -15.95
C GLN A 8 -10.03 25.76 -17.14
N VAL A 9 -10.64 24.58 -17.32
CA VAL A 9 -11.69 24.47 -18.32
CA VAL A 9 -11.70 24.44 -18.30
C VAL A 9 -12.90 25.25 -17.85
N GLN A 10 -13.50 25.99 -18.78
CA GLN A 10 -14.66 26.83 -18.50
C GLN A 10 -15.84 26.34 -19.31
N LEU A 11 -17.00 26.22 -18.65
CA LEU A 11 -18.25 25.86 -19.31
C LEU A 11 -19.03 27.13 -19.56
N GLN A 12 -19.28 27.43 -20.83
CA GLN A 12 -20.02 28.61 -21.24
C GLN A 12 -21.42 28.19 -21.67
N GLU A 13 -22.43 28.64 -20.93
CA GLU A 13 -23.82 28.30 -21.20
C GLU A 13 -24.49 29.39 -22.03
N SER A 14 -25.56 29.00 -22.71
CA SER A 14 -26.37 29.94 -23.48
C SER A 14 -27.73 29.30 -23.71
N GLY A 15 -28.69 30.13 -24.09
CA GLY A 15 -30.00 29.66 -24.50
C GLY A 15 -31.11 29.90 -23.51
N GLY A 16 -30.81 30.32 -22.29
CA GLY A 16 -31.87 30.63 -21.35
C GLY A 16 -32.71 31.79 -21.84
N GLY A 17 -33.96 31.81 -21.41
CA GLY A 17 -34.82 32.92 -21.78
C GLY A 17 -36.21 32.77 -21.22
N LEU A 18 -37.13 33.52 -21.82
CA LEU A 18 -38.51 33.63 -21.37
C LEU A 18 -39.41 32.92 -22.36
N VAL A 19 -40.41 32.19 -21.84
CA VAL A 19 -41.31 31.44 -22.70
C VAL A 19 -42.64 31.27 -21.98
N GLN A 20 -43.72 31.18 -22.75
CA GLN A 20 -45.03 30.83 -22.24
C GLN A 20 -45.12 29.34 -21.98
N ALA A 21 -46.03 28.95 -21.08
CA ALA A 21 -46.28 27.55 -20.82
C ALA A 21 -46.66 26.82 -22.11
N GLY A 22 -45.99 25.68 -22.36
CA GLY A 22 -46.18 24.92 -23.57
C GLY A 22 -45.17 25.21 -24.66
N GLY A 23 -44.39 26.28 -24.52
CA GLY A 23 -43.38 26.63 -25.50
C GLY A 23 -42.11 25.82 -25.30
N SER A 24 -41.15 26.09 -26.18
CA SER A 24 -39.91 25.33 -26.25
C SER A 24 -38.71 26.24 -26.01
N LEU A 25 -37.65 25.66 -25.46
CA LEU A 25 -36.41 26.38 -25.22
C LEU A 25 -35.24 25.42 -25.49
N ASN A 26 -34.07 26.02 -25.70
CA ASN A 26 -32.87 25.25 -25.98
C ASN A 26 -31.70 25.81 -25.18
N LEU A 27 -30.97 24.92 -24.52
CA LEU A 27 -29.76 25.28 -23.82
C LEU A 27 -28.55 24.68 -24.54
N SER A 28 -27.44 25.41 -24.48
CA SER A 28 -26.19 24.96 -25.06
C SER A 28 -25.09 25.22 -24.06
N CYS A 29 -24.11 24.32 -24.02
CA CYS A 29 -22.92 24.55 -23.23
C CYS A 29 -21.71 24.04 -23.98
N VAL A 30 -20.65 24.84 -24.01
CA VAL A 30 -19.41 24.49 -24.68
C VAL A 30 -18.27 24.57 -23.66
N ALA A 31 -17.41 23.56 -23.66
CA ALA A 31 -16.27 23.50 -22.76
C ALA A 31 -15.04 24.02 -23.48
N SER A 32 -14.28 24.89 -22.83
CA SER A 32 -13.03 25.34 -23.40
C SER A 32 -12.04 24.18 -23.45
N GLY A 33 -11.02 24.34 -24.29
CA GLY A 33 -10.02 23.29 -24.43
C GLY A 33 -10.57 22.07 -25.15
N SER A 34 -9.78 21.01 -25.10
CA SER A 34 -10.07 19.76 -25.80
C SER A 34 -10.13 18.58 -24.84
N SER A 35 -10.72 18.80 -23.67
CA SER A 35 -10.77 17.77 -22.66
C SER A 35 -11.86 16.75 -22.98
N HIS A 36 -11.66 15.54 -22.48
CA HIS A 36 -12.61 14.45 -22.63
C HIS A 36 -13.28 14.21 -21.28
N PHE A 37 -14.60 14.33 -21.24
CA PHE A 37 -15.36 14.25 -20.00
C PHE A 37 -16.08 12.91 -19.90
N ASN A 38 -16.04 12.31 -18.70
CA ASN A 38 -16.76 11.07 -18.49
C ASN A 38 -18.27 11.27 -18.48
N SER A 39 -18.73 12.43 -18.00
CA SER A 39 -20.15 12.68 -17.81
C SER A 39 -20.42 14.16 -18.00
N MET A 40 -21.59 14.46 -18.57
CA MET A 40 -22.07 15.82 -18.76
C MET A 40 -23.55 15.83 -18.42
N GLY A 41 -23.97 16.83 -17.66
CA GLY A 41 -25.32 16.84 -17.14
C GLY A 41 -25.86 18.25 -17.03
N TRP A 42 -27.17 18.34 -16.91
CA TRP A 42 -27.87 19.59 -16.67
C TRP A 42 -28.56 19.50 -15.33
N TYR A 43 -28.36 20.52 -14.50
CA TYR A 43 -29.00 20.65 -13.20
C TYR A 43 -29.77 21.95 -13.17
N ARG A 44 -30.72 22.03 -12.24
CA ARG A 44 -31.52 23.24 -12.13
C ARG A 44 -31.82 23.51 -10.67
N GLN A 45 -32.04 24.78 -10.37
CA GLN A 45 -32.24 25.22 -9.00
C GLN A 45 -33.14 26.44 -8.99
N ALA A 46 -34.27 26.34 -8.32
CA ALA A 46 -35.10 27.48 -8.00
C ALA A 46 -34.70 28.04 -6.65
N PRO A 47 -34.91 29.34 -6.42
CA PRO A 47 -34.48 29.95 -5.16
C PRO A 47 -35.06 29.24 -3.95
N GLY A 48 -34.21 28.97 -2.96
CA GLY A 48 -34.60 28.26 -1.77
C GLY A 48 -34.70 26.76 -1.91
N LYS A 49 -34.43 26.21 -3.09
CA LYS A 49 -34.56 24.79 -3.35
C LYS A 49 -33.20 24.17 -3.64
N GLN A 50 -33.13 22.85 -3.50
CA GLN A 50 -31.90 22.12 -3.78
C GLN A 50 -31.66 22.05 -5.28
N ARG A 51 -30.41 22.22 -5.67
CA ARG A 51 -30.00 21.91 -7.04
C ARG A 51 -30.30 20.46 -7.35
N ASP A 52 -30.93 20.20 -8.49
CA ASP A 52 -31.39 18.86 -8.81
C ASP A 52 -31.03 18.50 -10.24
N LEU A 53 -30.73 17.22 -10.45
CA LEU A 53 -30.42 16.72 -11.77
C LEU A 53 -31.63 16.82 -12.69
N VAL A 54 -31.43 17.37 -13.87
CA VAL A 54 -32.42 17.37 -14.94
C VAL A 54 -32.19 16.23 -15.92
N ALA A 55 -30.95 16.10 -16.41
CA ALA A 55 -30.58 15.07 -17.37
C ALA A 55 -29.05 15.00 -17.48
N ASP A 56 -28.49 13.79 -17.48
CA ASP A 56 -27.07 13.65 -17.73
C ASP A 56 -26.85 12.62 -18.83
N ILE A 57 -25.63 12.63 -19.38
CA ILE A 57 -25.30 11.77 -20.51
C ILE A 57 -23.85 11.32 -20.36
N SER A 58 -23.63 10.03 -20.56
CA SER A 58 -22.29 9.50 -20.52
C SER A 58 -21.56 9.80 -21.84
N ASN A 59 -20.27 9.49 -21.87
N ASN A 59 -20.27 9.47 -21.87
CA ASN A 59 -19.48 9.74 -23.06
CA ASN A 59 -19.44 9.72 -23.05
C ASN A 59 -19.94 8.93 -24.27
C ASN A 59 -19.83 8.86 -24.25
N ASP A 60 -20.61 7.80 -24.05
CA ASP A 60 -21.06 6.94 -25.15
C ASP A 60 -22.58 6.97 -25.35
N GLY A 61 -23.26 8.01 -24.87
CA GLY A 61 -24.66 8.22 -25.23
C GLY A 61 -25.70 7.77 -24.23
N VAL A 62 -25.31 7.13 -23.13
CA VAL A 62 -26.29 6.68 -22.15
C VAL A 62 -26.83 7.87 -21.37
N THR A 63 -28.15 8.00 -21.33
CA THR A 63 -28.80 9.16 -20.74
C THR A 63 -29.67 8.75 -19.56
N ASN A 64 -29.78 9.66 -18.59
CA ASN A 64 -30.71 9.53 -17.48
CA ASN A 64 -30.70 9.53 -17.47
C ASN A 64 -31.47 10.83 -17.35
N TYR A 65 -32.78 10.73 -17.15
CA TYR A 65 -33.65 11.89 -17.06
C TYR A 65 -34.36 11.90 -15.72
N ALA A 66 -34.56 13.09 -15.17
CA ALA A 66 -35.44 13.23 -14.02
C ALA A 66 -36.87 12.84 -14.41
N ASP A 67 -37.58 12.23 -13.47
CA ASP A 67 -38.94 11.78 -13.74
C ASP A 67 -39.84 12.90 -14.24
N SER A 68 -39.63 14.13 -13.77
CA SER A 68 -40.48 15.25 -14.12
C SER A 68 -40.22 15.82 -15.52
N VAL A 69 -39.13 15.43 -16.17
CA VAL A 69 -38.79 15.98 -17.48
C VAL A 69 -38.71 14.93 -18.57
N LYS A 70 -38.86 13.64 -18.23
CA LYS A 70 -38.78 12.60 -19.24
C LYS A 70 -39.86 12.79 -20.29
N ASP A 71 -39.53 12.52 -21.54
CA ASP A 71 -40.39 12.67 -22.72
C ASP A 71 -40.67 14.13 -23.06
N ARG A 72 -40.16 15.09 -22.29
CA ARG A 72 -40.21 16.51 -22.64
C ARG A 72 -38.85 17.10 -22.90
N PHE A 73 -37.82 16.62 -22.20
CA PHE A 73 -36.47 17.13 -22.34
C PHE A 73 -35.60 16.08 -23.02
N THR A 74 -34.57 16.54 -23.73
CA THR A 74 -33.65 15.65 -24.43
C THR A 74 -32.26 16.25 -24.35
N ILE A 75 -31.31 15.47 -23.84
CA ILE A 75 -29.92 15.87 -23.74
C ILE A 75 -29.14 15.20 -24.87
N SER A 76 -28.18 15.93 -25.45
CA SER A 76 -27.30 15.35 -26.43
C SER A 76 -25.95 16.07 -26.38
N THR A 77 -24.93 15.42 -26.94
CA THR A 77 -23.60 15.99 -27.01
C THR A 77 -23.06 15.91 -28.43
N ASN A 78 -22.12 16.82 -28.70
CA ASN A 78 -21.23 16.74 -29.85
C ASN A 78 -19.83 16.84 -29.25
N ASN A 79 -19.22 15.68 -28.98
CA ASN A 79 -17.91 15.64 -28.36
C ASN A 79 -16.84 16.26 -29.25
N ALA A 80 -17.06 16.29 -30.57
CA ALA A 80 -16.09 16.94 -31.44
C ALA A 80 -16.00 18.44 -31.17
N LYS A 81 -17.11 19.05 -30.74
CA LYS A 81 -17.11 20.47 -30.38
C LYS A 81 -17.11 20.69 -28.87
N ASN A 82 -16.88 19.64 -28.09
CA ASN A 82 -16.95 19.70 -26.62
CA ASN A 82 -16.94 19.71 -26.62
C ASN A 82 -18.20 20.46 -26.17
N ALA A 83 -19.35 20.03 -26.69
CA ALA A 83 -20.61 20.70 -26.43
C ALA A 83 -21.66 19.73 -25.93
N VAL A 84 -22.53 20.22 -25.06
CA VAL A 84 -23.68 19.47 -24.60
C VAL A 84 -24.91 20.36 -24.74
N TYR A 85 -26.04 19.75 -25.01
CA TYR A 85 -27.25 20.49 -25.34
C TYR A 85 -28.44 19.94 -24.55
N LEU A 86 -29.45 20.79 -24.40
CA LEU A 86 -30.70 20.39 -23.76
C LEU A 86 -31.87 20.96 -24.56
N GLN A 87 -32.67 20.08 -25.15
CA GLN A 87 -33.91 20.46 -25.79
C GLN A 87 -35.05 20.37 -24.79
N MET A 88 -35.89 21.40 -24.72
CA MET A 88 -36.97 21.45 -23.74
C MET A 88 -38.28 21.75 -24.46
N ASN A 89 -39.19 20.78 -24.47
CA ASN A 89 -40.50 20.93 -25.06
C ASN A 89 -41.56 20.95 -23.96
N ASN A 90 -42.73 21.50 -24.30
CA ASN A 90 -43.87 21.56 -23.40
C ASN A 90 -43.48 22.07 -22.02
N LEU A 91 -42.86 23.24 -21.99
CA LEU A 91 -42.37 23.78 -20.74
C LEU A 91 -43.52 24.19 -19.84
N LYS A 92 -43.40 23.86 -18.56
CA LYS A 92 -44.37 24.23 -17.56
C LYS A 92 -43.76 25.26 -16.61
N PRO A 93 -44.58 26.05 -15.91
CA PRO A 93 -44.01 27.02 -14.97
C PRO A 93 -43.13 26.38 -13.90
N GLU A 94 -43.41 25.14 -13.51
CA GLU A 94 -42.56 24.46 -12.53
C GLU A 94 -41.17 24.15 -13.05
N ASP A 95 -40.92 24.37 -14.35
CA ASP A 95 -39.58 24.23 -14.91
C ASP A 95 -38.75 25.50 -14.74
N THR A 96 -39.31 26.55 -14.14
CA THR A 96 -38.60 27.80 -13.96
C THR A 96 -37.48 27.62 -12.95
N ALA A 97 -36.25 27.92 -13.36
CA ALA A 97 -35.09 27.72 -12.50
C ALA A 97 -33.86 28.25 -13.24
N VAL A 98 -32.78 28.39 -12.49
CA VAL A 98 -31.47 28.57 -13.10
C VAL A 98 -30.95 27.20 -13.50
N TYR A 99 -30.54 27.06 -14.75
CA TYR A 99 -30.05 25.80 -15.25
C TYR A 99 -28.53 25.84 -15.30
N TYR A 100 -27.90 24.78 -14.80
CA TYR A 100 -26.45 24.67 -14.72
C TYR A 100 -25.98 23.46 -15.51
N CYS A 101 -24.92 23.65 -16.27
CA CYS A 101 -24.26 22.55 -16.94
C CYS A 101 -23.07 22.06 -16.12
N ASN A 102 -22.92 20.74 -16.07
CA ASN A 102 -21.86 20.10 -15.30
C ASN A 102 -21.08 19.15 -16.21
N ALA A 103 -19.76 19.13 -16.02
CA ALA A 103 -18.89 18.20 -16.74
C ALA A 103 -17.90 17.60 -15.76
N VAL A 104 -17.71 16.30 -15.82
CA VAL A 104 -16.91 15.57 -14.84
C VAL A 104 -15.85 14.77 -15.59
N ALA A 105 -14.60 14.98 -15.21
CA ALA A 105 -13.48 14.16 -15.67
C ALA A 105 -12.89 13.45 -14.47
N VAL A 106 -12.28 12.29 -14.71
CA VAL A 106 -11.75 11.46 -13.64
C VAL A 106 -10.29 11.12 -13.94
N ALA A 107 -9.40 11.44 -13.00
CA ALA A 107 -8.01 10.97 -12.98
C ALA A 107 -7.66 10.76 -11.50
N GLY A 108 -8.05 9.61 -10.98
CA GLY A 108 -8.03 9.38 -9.54
C GLY A 108 -9.06 10.25 -8.86
N ARG A 109 -8.74 11.54 -8.71
CA ARG A 109 -9.73 12.50 -8.24
C ARG A 109 -10.73 12.79 -9.36
N ALA A 110 -11.97 13.04 -8.97
CA ALA A 110 -12.99 13.49 -9.92
C ALA A 110 -12.94 15.00 -10.02
N PHE A 111 -12.86 15.51 -11.24
CA PHE A 111 -12.82 16.93 -11.52
C PHE A 111 -14.18 17.33 -12.07
N SER A 112 -14.89 18.18 -11.32
CA SER A 112 -16.24 18.59 -11.66
C SER A 112 -16.24 20.09 -11.98
N TYR A 113 -16.76 20.43 -13.16
CA TYR A 113 -16.78 21.81 -13.63
C TYR A 113 -18.23 22.23 -13.89
N TRP A 114 -18.50 23.50 -13.65
CA TRP A 114 -19.86 24.03 -13.69
C TRP A 114 -19.90 25.28 -14.55
N GLY A 115 -20.97 25.41 -15.34
CA GLY A 115 -21.22 26.64 -16.06
C GLY A 115 -21.72 27.74 -15.15
N GLN A 116 -21.76 28.95 -15.69
CA GLN A 116 -22.16 30.11 -14.92
C GLN A 116 -23.65 30.13 -14.61
N GLY A 117 -24.45 29.33 -15.30
CA GLY A 117 -25.87 29.33 -15.02
C GLY A 117 -26.66 30.26 -15.91
N THR A 118 -27.78 29.78 -16.44
CA THR A 118 -28.69 30.61 -17.20
C THR A 118 -30.10 30.32 -16.75
N GLN A 119 -30.93 31.36 -16.68
CA GLN A 119 -32.26 31.23 -16.11
C GLN A 119 -33.29 30.94 -17.20
N VAL A 120 -34.11 29.92 -16.98
CA VAL A 120 -35.28 29.64 -17.80
C VAL A 120 -36.51 30.10 -17.03
N THR A 121 -37.30 31.01 -17.62
CA THR A 121 -38.52 31.51 -17.00
C THR A 121 -39.70 31.09 -17.85
N VAL A 122 -40.59 30.28 -17.28
CA VAL A 122 -41.82 29.85 -17.95
C VAL A 122 -42.98 30.52 -17.25
N SER A 123 -43.64 31.45 -17.92
CA SER A 123 -44.82 32.08 -17.36
C SER A 123 -46.04 31.18 -17.55
N SER A 124 -47.13 31.56 -16.90
CA SER A 124 -48.39 30.90 -17.17
C SER A 124 -48.84 31.22 -18.59
N ALA A 125 -49.75 30.39 -19.10
CA ALA A 125 -50.31 30.61 -20.43
C ALA A 125 -51.60 31.43 -20.33
N ALA A 126 -52.01 31.97 -21.47
CA ALA A 126 -53.23 32.76 -21.59
C ALA A 126 -53.22 33.93 -20.60
N LEU B 3 -26.43 -30.67 -9.73
CA LEU B 3 -25.24 -31.42 -9.35
C LEU B 3 -24.24 -30.51 -8.66
N GLY B 4 -24.22 -29.24 -9.08
CA GLY B 4 -23.29 -28.28 -8.53
C GLY B 4 -23.98 -27.10 -7.89
N SER B 5 -23.23 -26.02 -7.63
CA SER B 5 -23.79 -24.85 -6.98
C SER B 5 -24.82 -24.18 -7.89
N MET B 6 -25.57 -23.23 -7.31
CA MET B 6 -26.60 -22.51 -8.04
C MET B 6 -26.08 -21.20 -8.62
N GLY B 7 -25.43 -20.39 -7.79
CA GLY B 7 -24.71 -19.22 -8.26
C GLY B 7 -23.24 -19.54 -8.46
N GLN B 8 -22.63 -18.87 -9.42
CA GLN B 8 -21.24 -19.17 -9.71
C GLN B 8 -20.34 -18.62 -8.61
N VAL B 9 -19.13 -19.19 -8.52
CA VAL B 9 -18.21 -18.79 -7.48
C VAL B 9 -17.87 -17.31 -7.64
N GLN B 10 -17.67 -16.63 -6.51
CA GLN B 10 -17.34 -15.22 -6.49
C GLN B 10 -16.03 -15.03 -5.73
N LEU B 11 -15.15 -14.22 -6.28
CA LEU B 11 -13.89 -13.89 -5.64
C LEU B 11 -14.05 -12.54 -4.96
N GLN B 12 -13.84 -12.50 -3.65
CA GLN B 12 -13.96 -11.28 -2.87
C GLN B 12 -12.58 -10.87 -2.41
N GLU B 13 -12.08 -9.76 -2.95
CA GLU B 13 -10.75 -9.23 -2.63
C GLU B 13 -10.80 -8.21 -1.50
N SER B 14 -9.66 -8.05 -0.84
CA SER B 14 -9.54 -7.09 0.24
C SER B 14 -8.07 -6.80 0.46
N GLY B 15 -7.79 -5.66 1.07
CA GLY B 15 -6.45 -5.29 1.47
C GLY B 15 -5.81 -4.18 0.66
N GLY B 16 -6.46 -3.70 -0.40
CA GLY B 16 -5.91 -2.57 -1.12
C GLY B 16 -5.87 -1.33 -0.23
N GLY B 17 -4.82 -0.54 -0.37
CA GLY B 17 -4.75 0.67 0.42
C GLY B 17 -3.70 1.62 -0.11
N LEU B 18 -3.44 2.65 0.70
CA LEU B 18 -2.47 3.69 0.40
C LEU B 18 -1.22 3.47 1.24
N VAL B 19 -0.06 3.62 0.62
CA VAL B 19 1.20 3.33 1.30
C VAL B 19 2.28 4.25 0.77
N GLN B 20 3.24 4.56 1.63
CA GLN B 20 4.43 5.27 1.23
C GLN B 20 5.40 4.32 0.54
N ALA B 21 6.17 4.86 -0.40
CA ALA B 21 7.22 4.07 -1.05
C ALA B 21 8.13 3.43 0.00
N GLY B 22 8.34 2.12 -0.13
CA GLY B 22 9.12 1.37 0.82
C GLY B 22 8.29 0.65 1.87
N GLY B 23 7.01 0.97 1.98
CA GLY B 23 6.14 0.33 2.94
C GLY B 23 5.66 -1.03 2.46
N SER B 24 4.69 -1.57 3.19
CA SER B 24 4.18 -2.91 2.96
C SER B 24 2.66 -2.87 2.88
N LEU B 25 2.11 -3.82 2.14
CA LEU B 25 0.66 -3.94 2.00
C LEU B 25 0.32 -5.41 1.79
N ASN B 26 -0.92 -5.76 2.11
CA ASN B 26 -1.37 -7.14 2.03
C ASN B 26 -2.65 -7.23 1.24
N LEU B 27 -2.75 -8.28 0.41
CA LEU B 27 -3.95 -8.55 -0.37
C LEU B 27 -4.45 -9.95 -0.02
N SER B 28 -5.77 -10.09 0.02
CA SER B 28 -6.39 -11.37 0.27
C SER B 28 -7.64 -11.49 -0.59
N CYS B 29 -7.94 -12.72 -0.97
CA CYS B 29 -9.10 -12.98 -1.79
C CYS B 29 -9.70 -14.31 -1.36
N VAL B 30 -10.99 -14.32 -1.09
CA VAL B 30 -11.71 -15.51 -0.65
C VAL B 30 -12.75 -15.86 -1.70
N ALA B 31 -12.76 -17.12 -2.11
CA ALA B 31 -13.72 -17.63 -3.08
C ALA B 31 -14.90 -18.23 -2.34
N SER B 32 -16.11 -17.86 -2.75
CA SER B 32 -17.31 -18.48 -2.22
C SER B 32 -17.38 -19.95 -2.65
N GLY B 33 -18.18 -20.73 -1.93
CA GLY B 33 -18.28 -22.15 -2.23
C GLY B 33 -17.02 -22.91 -1.88
N SER B 34 -17.04 -24.19 -2.25
CA SER B 34 -15.94 -25.10 -1.93
C SER B 34 -15.33 -25.69 -3.19
N SER B 35 -15.05 -24.86 -4.18
CA SER B 35 -14.50 -25.34 -5.43
C SER B 35 -12.99 -25.53 -5.34
N HIS B 36 -12.49 -26.49 -6.11
CA HIS B 36 -11.07 -26.77 -6.19
C HIS B 36 -10.52 -26.21 -7.50
N PHE B 37 -9.57 -25.29 -7.39
CA PHE B 37 -9.03 -24.58 -8.54
C PHE B 37 -7.66 -25.12 -8.92
N ASN B 38 -7.41 -25.21 -10.23
CA ASN B 38 -6.09 -25.62 -10.70
C ASN B 38 -5.05 -24.53 -10.47
N SER B 39 -5.45 -23.26 -10.56
CA SER B 39 -4.51 -22.16 -10.49
C SER B 39 -5.19 -20.95 -9.88
N MET B 40 -4.41 -20.17 -9.16
CA MET B 40 -4.87 -18.90 -8.61
C MET B 40 -3.75 -17.88 -8.82
N GLY B 41 -4.13 -16.65 -9.13
CA GLY B 41 -3.13 -15.65 -9.46
C GLY B 41 -3.60 -14.24 -9.16
N TRP B 42 -2.62 -13.35 -9.05
CA TRP B 42 -2.85 -11.93 -8.89
C TRP B 42 -2.38 -11.20 -10.14
N TYR B 43 -3.25 -10.36 -10.68
CA TYR B 43 -2.93 -9.53 -11.84
C TYR B 43 -3.12 -8.08 -11.45
N ARG B 44 -2.41 -7.19 -12.14
CA ARG B 44 -2.52 -5.78 -11.85
C ARG B 44 -2.58 -5.00 -13.15
N GLN B 45 -3.25 -3.85 -13.09
CA GLN B 45 -3.45 -3.03 -14.26
C GLN B 45 -3.45 -1.57 -13.83
N ALA B 46 -2.56 -0.80 -14.38
CA ALA B 46 -2.61 0.63 -14.24
C ALA B 46 -3.41 1.24 -15.39
N PRO B 47 -4.01 2.41 -15.20
CA PRO B 47 -4.87 2.99 -16.26
C PRO B 47 -4.12 3.12 -17.58
N GLY B 48 -4.77 2.67 -18.65
CA GLY B 48 -4.19 2.67 -19.98
C GLY B 48 -3.32 1.47 -20.29
N LYS B 49 -2.87 0.75 -19.27
CA LYS B 49 -1.91 -0.33 -19.44
C LYS B 49 -2.61 -1.68 -19.52
N GLN B 50 -1.90 -2.65 -20.08
CA GLN B 50 -2.43 -4.01 -20.15
C GLN B 50 -2.44 -4.63 -18.75
N ARG B 51 -3.47 -5.44 -18.49
CA ARG B 51 -3.45 -6.25 -17.28
C ARG B 51 -2.28 -7.22 -17.34
N ASP B 52 -1.56 -7.33 -16.24
CA ASP B 52 -0.31 -8.08 -16.23
C ASP B 52 -0.26 -8.99 -15.00
N LEU B 53 0.23 -10.21 -15.20
CA LEU B 53 0.40 -11.15 -14.10
C LEU B 53 1.46 -10.63 -13.12
N VAL B 54 1.14 -10.74 -11.84
CA VAL B 54 2.06 -10.42 -10.75
C VAL B 54 2.64 -11.69 -10.13
N ALA B 55 1.76 -12.63 -9.79
CA ALA B 55 2.14 -13.90 -9.20
C ALA B 55 1.00 -14.88 -9.37
N ASP B 56 1.34 -16.14 -9.60
CA ASP B 56 0.33 -17.18 -9.60
C ASP B 56 0.85 -18.37 -8.81
N ILE B 57 -0.06 -19.25 -8.42
CA ILE B 57 0.31 -20.42 -7.65
C ILE B 57 -0.57 -21.58 -8.09
N SER B 58 0.06 -22.73 -8.29
CA SER B 58 -0.70 -23.93 -8.59
C SER B 58 -1.28 -24.51 -7.31
N ASN B 59 -2.11 -25.52 -7.46
N ASN B 59 -2.13 -25.53 -7.45
CA ASN B 59 -2.76 -26.15 -6.31
CA ASN B 59 -2.80 -26.21 -6.34
C ASN B 59 -1.78 -26.80 -5.35
C ASN B 59 -1.84 -26.93 -5.40
N ASP B 60 -0.60 -27.19 -5.82
CA ASP B 60 0.38 -27.86 -4.98
C ASP B 60 1.57 -26.96 -4.63
N GLY B 61 1.41 -25.63 -4.68
CA GLY B 61 2.42 -24.75 -4.13
C GLY B 61 3.47 -24.23 -5.11
N VAL B 62 3.44 -24.65 -6.37
CA VAL B 62 4.37 -24.10 -7.34
C VAL B 62 3.97 -22.67 -7.66
N THR B 63 4.91 -21.74 -7.47
CA THR B 63 4.68 -20.31 -7.65
C THR B 63 5.52 -19.76 -8.80
N ASN B 64 4.97 -18.75 -9.48
CA ASN B 64 5.67 -17.97 -10.50
CA ASN B 64 5.65 -17.98 -10.51
C ASN B 64 5.44 -16.50 -10.25
N TYR B 65 6.50 -15.71 -10.38
CA TYR B 65 6.42 -14.28 -10.13
C TYR B 65 6.88 -13.53 -11.38
N ALA B 66 6.31 -12.34 -11.58
CA ALA B 66 6.88 -11.43 -12.55
C ALA B 66 8.26 -10.97 -12.09
N ASP B 67 9.17 -10.76 -13.04
CA ASP B 67 10.54 -10.39 -12.70
C ASP B 67 10.60 -9.12 -11.85
N SER B 68 9.66 -8.19 -12.03
CA SER B 68 9.70 -6.91 -11.32
C SER B 68 9.28 -7.02 -9.86
N VAL B 69 8.70 -8.13 -9.42
CA VAL B 69 8.22 -8.26 -8.04
C VAL B 69 8.86 -9.43 -7.30
N LYS B 70 9.72 -10.21 -7.94
CA LYS B 70 10.38 -11.30 -7.24
C LYS B 70 11.21 -10.76 -6.07
N ASP B 71 11.22 -11.52 -4.98
CA ASP B 71 11.92 -11.19 -3.73
C ASP B 71 11.22 -10.06 -2.96
N ARG B 72 10.21 -9.43 -3.56
CA ARG B 72 9.40 -8.44 -2.85
C ARG B 72 8.00 -8.94 -2.55
N PHE B 73 7.39 -9.70 -3.46
CA PHE B 73 6.03 -10.17 -3.30
C PHE B 73 6.04 -11.67 -3.02
N THR B 74 5.07 -12.12 -2.25
CA THR B 74 4.94 -13.54 -1.95
C THR B 74 3.47 -13.91 -2.01
N ILE B 75 3.16 -14.96 -2.77
CA ILE B 75 1.79 -15.45 -2.90
C ILE B 75 1.68 -16.75 -2.11
N SER B 76 0.50 -16.97 -1.52
CA SER B 76 0.22 -18.22 -0.84
C SER B 76 -1.28 -18.48 -0.91
N THR B 77 -1.66 -19.72 -0.61
CA THR B 77 -3.06 -20.10 -0.56
C THR B 77 -3.35 -20.80 0.77
N ASN B 78 -4.63 -20.79 1.13
CA ASN B 78 -5.17 -21.69 2.14
C ASN B 78 -6.40 -22.32 1.50
N ASN B 79 -6.21 -23.48 0.87
CA ASN B 79 -7.31 -24.16 0.20
C ASN B 79 -8.42 -24.55 1.17
N ALA B 80 -8.11 -24.70 2.46
CA ALA B 80 -9.16 -24.98 3.44
C ALA B 80 -10.11 -23.81 3.59
N LYS B 81 -9.64 -22.58 3.35
CA LYS B 81 -10.49 -21.40 3.35
C LYS B 81 -10.76 -20.88 1.95
N ASN B 82 -10.41 -21.65 0.91
CA ASN B 82 -10.50 -21.22 -0.48
CA ASN B 82 -10.52 -21.22 -0.48
C ASN B 82 -10.02 -19.78 -0.64
N ALA B 83 -8.86 -19.51 -0.04
CA ALA B 83 -8.30 -18.17 0.02
C ALA B 83 -6.94 -18.14 -0.65
N VAL B 84 -6.58 -16.96 -1.17
CA VAL B 84 -5.26 -16.74 -1.75
C VAL B 84 -4.77 -15.37 -1.28
N TYR B 85 -3.47 -15.26 -1.07
CA TYR B 85 -2.89 -14.11 -0.41
C TYR B 85 -1.71 -13.57 -1.20
N LEU B 86 -1.42 -12.28 -1.00
CA LEU B 86 -0.26 -11.64 -1.61
C LEU B 86 0.34 -10.67 -0.60
N GLN B 87 1.52 -11.03 -0.06
CA GLN B 87 2.30 -10.13 0.77
C GLN B 87 3.18 -9.26 -0.13
N MET B 88 3.13 -7.95 0.08
CA MET B 88 3.84 -7.00 -0.77
C MET B 88 4.81 -6.21 0.11
N ASN B 89 6.11 -6.37 -0.15
CA ASN B 89 7.15 -5.70 0.59
C ASN B 89 7.87 -4.68 -0.29
N ASN B 90 8.41 -3.65 0.34
CA ASN B 90 9.25 -2.64 -0.31
C ASN B 90 8.55 -2.10 -1.56
N LEU B 91 7.36 -1.56 -1.34
CA LEU B 91 6.54 -1.12 -2.45
C LEU B 91 7.13 0.13 -3.09
N LYS B 92 7.09 0.17 -4.42
CA LYS B 92 7.57 1.27 -5.23
C LYS B 92 6.40 1.94 -5.95
N PRO B 93 6.55 3.21 -6.35
CA PRO B 93 5.46 3.87 -7.08
C PRO B 93 5.03 3.14 -8.34
N GLU B 94 5.94 2.42 -9.00
CA GLU B 94 5.56 1.60 -10.16
C GLU B 94 4.62 0.46 -9.78
N ASP B 95 4.46 0.16 -8.49
CA ASP B 95 3.53 -0.88 -8.08
C ASP B 95 2.10 -0.37 -7.97
N THR B 96 1.87 0.92 -8.21
CA THR B 96 0.53 1.47 -8.14
C THR B 96 -0.33 0.93 -9.29
N ALA B 97 -1.42 0.26 -8.95
CA ALA B 97 -2.32 -0.32 -9.94
C ALA B 97 -3.53 -0.88 -9.22
N VAL B 98 -4.55 -1.23 -9.99
CA VAL B 98 -5.63 -2.07 -9.51
C VAL B 98 -5.19 -3.52 -9.55
N TYR B 99 -5.31 -4.22 -8.43
CA TYR B 99 -4.91 -5.62 -8.36
C TYR B 99 -6.14 -6.52 -8.43
N TYR B 100 -6.09 -7.50 -9.32
CA TYR B 100 -7.20 -8.41 -9.57
C TYR B 100 -6.80 -9.82 -9.21
N CYS B 101 -7.65 -10.50 -8.46
CA CYS B 101 -7.43 -11.91 -8.20
C CYS B 101 -8.15 -12.78 -9.23
N ASN B 102 -7.53 -13.91 -9.55
CA ASN B 102 -8.02 -14.80 -10.59
C ASN B 102 -7.94 -16.24 -10.12
N ALA B 103 -8.98 -17.02 -10.41
CA ALA B 103 -9.00 -18.44 -10.11
C ALA B 103 -9.47 -19.20 -11.35
N VAL B 104 -8.79 -20.30 -11.66
CA VAL B 104 -9.10 -21.09 -12.86
C VAL B 104 -9.33 -22.54 -12.46
N ALA B 105 -10.44 -23.11 -12.93
CA ALA B 105 -10.70 -24.54 -12.84
C ALA B 105 -10.95 -25.09 -14.23
N VAL B 106 -10.58 -26.36 -14.44
CA VAL B 106 -10.64 -26.97 -15.77
C VAL B 106 -11.51 -28.23 -15.69
N ALA B 107 -12.57 -28.26 -16.52
CA ALA B 107 -13.36 -29.48 -16.79
C ALA B 107 -13.66 -29.44 -18.29
N GLY B 108 -12.72 -29.94 -19.08
CA GLY B 108 -12.78 -29.73 -20.52
C GLY B 108 -12.55 -28.27 -20.84
N ARG B 109 -13.59 -27.47 -20.67
CA ARG B 109 -13.48 -26.02 -20.73
C ARG B 109 -12.72 -25.47 -19.53
N ALA B 110 -11.98 -24.39 -19.75
CA ALA B 110 -11.39 -23.62 -18.65
C ALA B 110 -12.41 -22.63 -18.12
N PHE B 111 -12.63 -22.66 -16.81
CA PHE B 111 -13.52 -21.73 -16.13
C PHE B 111 -12.67 -20.75 -15.34
N SER B 112 -12.75 -19.47 -15.70
CA SER B 112 -11.89 -18.43 -15.14
C SER B 112 -12.75 -17.41 -14.41
N TYR B 113 -12.39 -17.11 -13.16
CA TYR B 113 -13.17 -16.20 -12.32
C TYR B 113 -12.27 -15.10 -11.79
N TRP B 114 -12.83 -13.90 -11.68
CA TRP B 114 -12.08 -12.70 -11.35
C TRP B 114 -12.71 -11.97 -10.18
N GLY B 115 -11.87 -11.42 -9.32
CA GLY B 115 -12.34 -10.56 -8.25
C GLY B 115 -12.66 -9.16 -8.76
N GLN B 116 -13.24 -8.36 -7.87
CA GLN B 116 -13.71 -7.03 -8.25
C GLN B 116 -12.56 -6.04 -8.42
N GLY B 117 -11.38 -6.36 -7.91
CA GLY B 117 -10.25 -5.46 -8.04
C GLY B 117 -10.09 -4.55 -6.85
N THR B 118 -8.87 -4.36 -6.40
CA THR B 118 -8.59 -3.43 -5.31
C THR B 118 -7.34 -2.64 -5.68
N GLN B 119 -7.36 -1.35 -5.38
CA GLN B 119 -6.28 -0.47 -5.81
C GLN B 119 -5.19 -0.36 -4.74
N VAL B 120 -3.94 -0.52 -5.17
CA VAL B 120 -2.77 -0.23 -4.35
C VAL B 120 -2.20 1.10 -4.83
N THR B 121 -2.07 2.06 -3.90
CA THR B 121 -1.56 3.38 -4.23
C THR B 121 -0.27 3.59 -3.44
N VAL B 122 0.85 3.72 -4.15
CA VAL B 122 2.16 3.93 -3.54
C VAL B 122 2.59 5.36 -3.85
N SER B 123 2.68 6.17 -2.81
CA SER B 123 3.11 7.54 -2.97
C SER B 123 4.62 7.66 -2.76
N SER B 124 5.17 8.79 -3.20
CA SER B 124 6.55 9.11 -2.87
C SER B 124 6.71 9.28 -1.37
N ALA B 125 7.95 9.14 -0.90
CA ALA B 125 8.28 9.34 0.49
C ALA B 125 8.94 10.70 0.68
N ALA B 126 9.59 10.91 1.83
CA ALA B 126 10.24 12.17 2.17
C ALA B 126 9.24 13.32 2.12
N SER C 5 14.74 6.74 37.66
CA SER C 5 15.94 7.53 37.96
C SER C 5 15.74 8.99 37.60
N MET C 6 16.61 9.84 38.14
CA MET C 6 16.60 11.28 37.84
C MET C 6 17.92 11.78 37.27
N GLY C 7 19.04 11.31 37.80
CA GLY C 7 20.33 11.66 37.25
C GLY C 7 20.97 10.49 36.53
N GLN C 8 21.90 10.78 35.61
CA GLN C 8 22.56 9.72 34.86
C GLN C 8 23.46 8.90 35.77
N VAL C 9 23.44 7.58 35.58
CA VAL C 9 24.26 6.68 36.38
C VAL C 9 25.73 6.97 36.11
N GLN C 10 26.52 7.03 37.18
CA GLN C 10 27.94 7.38 37.11
C GLN C 10 28.76 6.22 37.63
N LEU C 11 29.83 5.88 36.91
CA LEU C 11 30.76 4.84 37.33
C LEU C 11 31.95 5.51 38.01
N GLN C 12 32.23 5.10 39.24
CA GLN C 12 33.34 5.65 40.03
C GLN C 12 34.41 4.57 40.17
N GLU C 13 35.57 4.81 39.56
CA GLU C 13 36.67 3.87 39.59
C GLU C 13 37.63 4.19 40.73
N SER C 14 38.47 3.21 41.06
CA SER C 14 39.51 3.38 42.06
C SER C 14 40.42 2.16 42.00
N GLY C 15 41.61 2.30 42.57
CA GLY C 15 42.51 1.19 42.78
C GLY C 15 43.76 1.20 41.94
N GLY C 16 43.83 2.02 40.89
CA GLY C 16 45.02 2.06 40.08
C GLY C 16 46.23 2.49 40.89
N GLY C 17 47.39 1.97 40.50
CA GLY C 17 48.59 2.31 41.23
C GLY C 17 49.84 1.98 40.44
N LEU C 18 50.98 2.25 41.08
CA LEU C 18 52.30 1.98 40.53
C LEU C 18 52.85 0.71 41.15
N VAL C 19 53.39 -0.18 40.30
CA VAL C 19 53.84 -1.49 40.76
C VAL C 19 55.04 -1.92 39.91
N GLN C 20 55.88 -2.77 40.50
CA GLN C 20 56.98 -3.40 39.80
C GLN C 20 56.49 -4.66 39.09
N ALA C 21 57.22 -5.06 38.05
CA ALA C 21 56.85 -6.25 37.29
C ALA C 21 56.82 -7.47 38.19
N GLY C 22 55.67 -8.15 38.21
CA GLY C 22 55.45 -9.29 39.08
C GLY C 22 54.48 -9.01 40.21
N GLY C 23 54.34 -7.74 40.60
CA GLY C 23 53.43 -7.37 41.65
C GLY C 23 51.98 -7.49 41.23
N SER C 24 51.10 -7.13 42.16
CA SER C 24 49.67 -7.25 41.96
C SER C 24 49.00 -5.92 42.26
N LEU C 25 47.83 -5.74 41.66
CA LEU C 25 47.02 -4.55 41.87
C LEU C 25 45.55 -4.96 41.78
N ASN C 26 44.68 -4.08 42.28
CA ASN C 26 43.24 -4.30 42.27
C ASN C 26 42.55 -3.06 41.75
N LEU C 27 41.61 -3.24 40.81
CA LEU C 27 40.71 -2.19 40.41
C LEU C 27 39.32 -2.47 40.95
N SER C 28 38.57 -1.40 41.21
CA SER C 28 37.19 -1.50 41.64
C SER C 28 36.41 -0.36 41.02
N CYS C 29 35.17 -0.65 40.64
CA CYS C 29 34.28 0.37 40.10
C CYS C 29 32.90 0.20 40.70
N VAL C 30 32.35 1.30 41.24
CA VAL C 30 31.03 1.33 41.85
C VAL C 30 30.12 2.18 40.97
N ALA C 31 28.95 1.66 40.66
CA ALA C 31 27.96 2.37 39.86
C ALA C 31 26.94 3.05 40.76
N SER C 32 26.70 4.33 40.53
CA SER C 32 25.66 5.04 41.25
C SER C 32 24.29 4.50 40.87
N GLY C 33 23.36 4.58 41.82
CA GLY C 33 22.01 4.10 41.59
C GLY C 33 21.95 2.58 41.66
N SER C 34 20.71 2.07 41.57
CA SER C 34 20.49 0.64 41.61
C SER C 34 20.12 0.11 40.24
N SER C 35 20.86 0.52 39.22
CA SER C 35 20.62 0.01 37.87
C SER C 35 21.15 -1.40 37.74
N HIS C 36 20.50 -2.16 36.87
CA HIS C 36 20.90 -3.52 36.54
C HIS C 36 21.48 -3.52 35.12
N PHE C 37 22.74 -3.90 35.00
CA PHE C 37 23.45 -3.86 33.73
C PHE C 37 23.52 -5.25 33.11
N ASN C 38 23.39 -5.30 31.77
CA ASN C 38 23.50 -6.58 31.08
C ASN C 38 24.93 -7.08 31.05
N SER C 39 25.90 -6.18 31.10
CA SER C 39 27.30 -6.57 31.05
C SER C 39 28.15 -5.46 31.67
N MET C 40 29.19 -5.88 32.38
CA MET C 40 30.19 -4.98 32.92
C MET C 40 31.55 -5.48 32.49
N GLY C 41 32.44 -4.55 32.14
CA GLY C 41 33.72 -4.95 31.59
C GLY C 41 34.79 -3.92 31.87
N TRP C 42 36.03 -4.37 31.78
CA TRP C 42 37.21 -3.53 31.93
C TRP C 42 37.89 -3.40 30.58
N TYR C 43 38.11 -2.17 30.16
CA TYR C 43 38.88 -1.87 28.96
C TYR C 43 40.13 -1.12 29.37
N ARG C 44 41.19 -1.26 28.57
CA ARG C 44 42.43 -0.56 28.84
C ARG C 44 42.94 0.06 27.56
N GLN C 45 43.58 1.21 27.70
CA GLN C 45 44.12 1.97 26.57
C GLN C 45 45.57 2.33 26.88
N ALA C 46 46.50 1.61 26.26
CA ALA C 46 47.90 1.90 26.43
C ALA C 46 48.22 3.25 25.79
N PRO C 47 49.31 3.91 26.23
CA PRO C 47 49.67 5.21 25.66
C PRO C 47 49.86 5.12 24.15
N GLY C 48 49.15 5.98 23.43
CA GLY C 48 49.26 6.08 21.99
C GLY C 48 48.52 5.03 21.20
N LYS C 49 47.85 4.08 21.85
CA LYS C 49 47.22 2.95 21.19
C LYS C 49 45.71 2.96 21.43
N GLN C 50 45.03 1.96 20.88
CA GLN C 50 43.58 1.88 20.90
C GLN C 50 43.07 1.25 22.20
N ARG C 51 41.85 1.63 22.58
CA ARG C 51 41.18 1.00 23.71
C ARG C 51 40.91 -0.47 23.40
N ASP C 52 41.16 -1.34 24.37
CA ASP C 52 41.07 -2.77 24.16
C ASP C 52 40.41 -3.44 25.35
N LEU C 53 39.60 -4.46 25.08
CA LEU C 53 38.94 -5.20 26.14
C LEU C 53 39.93 -6.03 26.93
N VAL C 54 39.84 -5.96 28.25
CA VAL C 54 40.64 -6.78 29.15
C VAL C 54 39.83 -7.96 29.69
N ALA C 55 38.63 -7.68 30.17
CA ALA C 55 37.75 -8.70 30.73
C ALA C 55 36.34 -8.14 30.82
N ASP C 56 35.36 -8.98 30.58
CA ASP C 56 33.97 -8.59 30.79
C ASP C 56 33.28 -9.73 31.53
N ILE C 57 32.10 -9.43 32.07
CA ILE C 57 31.32 -10.40 32.82
C ILE C 57 29.84 -10.11 32.61
N SER C 58 29.08 -11.16 32.30
CA SER C 58 27.64 -11.00 32.18
C SER C 58 27.00 -11.00 33.57
N ASN C 59 25.70 -10.72 33.60
N ASN C 59 25.69 -10.70 33.61
CA ASN C 59 24.96 -10.63 34.86
CA ASN C 59 24.91 -10.63 34.85
C ASN C 59 24.94 -11.95 35.63
C ASN C 59 24.81 -11.95 35.59
N ASP C 60 25.14 -13.08 34.95
CA ASP C 60 25.07 -14.39 35.61
C ASP C 60 26.44 -15.06 35.73
N GLY C 61 27.53 -14.30 35.66
CA GLY C 61 28.85 -14.80 35.96
C GLY C 61 29.66 -15.33 34.78
N VAL C 62 29.13 -15.32 33.57
CA VAL C 62 29.95 -15.74 32.44
C VAL C 62 31.01 -14.67 32.18
N THR C 63 32.27 -15.09 32.13
CA THR C 63 33.40 -14.20 31.97
C THR C 63 34.16 -14.51 30.68
N ASN C 64 34.71 -13.46 30.07
CA ASN C 64 35.62 -13.57 28.94
C ASN C 64 36.85 -12.72 29.23
N TYR C 65 38.01 -13.24 28.87
CA TYR C 65 39.27 -12.55 29.11
C TYR C 65 40.02 -12.45 27.79
N ALA C 66 40.66 -11.32 27.57
CA ALA C 66 41.65 -11.24 26.51
C ALA C 66 42.73 -12.28 26.76
N ASP C 67 43.19 -12.92 25.69
CA ASP C 67 44.18 -13.99 25.83
C ASP C 67 45.47 -13.50 26.47
N SER C 68 45.73 -12.20 26.43
CA SER C 68 46.96 -11.67 27.01
C SER C 68 46.93 -11.70 28.53
N VAL C 69 45.76 -11.58 29.14
CA VAL C 69 45.63 -11.47 30.59
C VAL C 69 45.01 -12.70 31.22
N LYS C 70 44.62 -13.69 30.43
CA LYS C 70 43.97 -14.87 30.96
C LYS C 70 44.86 -15.56 31.99
N ASP C 71 44.24 -16.07 33.06
CA ASP C 71 44.89 -16.77 34.16
C ASP C 71 45.82 -15.89 34.97
N ARG C 72 45.90 -14.59 34.66
CA ARG C 72 46.51 -13.60 35.54
C ARG C 72 45.50 -12.63 36.12
N PHE C 73 44.45 -12.31 35.36
CA PHE C 73 43.43 -11.35 35.75
C PHE C 73 42.15 -12.10 36.10
N THR C 74 41.40 -11.56 37.06
CA THR C 74 40.10 -12.12 37.42
C THR C 74 39.11 -11.00 37.62
N ILE C 75 38.03 -11.04 36.86
CA ILE C 75 36.93 -10.09 37.00
C ILE C 75 35.87 -10.72 37.87
N SER C 76 35.14 -9.87 38.61
CA SER C 76 34.08 -10.33 39.48
C SER C 76 33.21 -9.13 39.81
N THR C 77 31.98 -9.41 40.25
CA THR C 77 31.02 -8.37 40.53
C THR C 77 30.32 -8.64 41.87
N ASN C 78 29.71 -7.58 42.39
CA ASN C 78 28.76 -7.69 43.50
C ASN C 78 27.57 -6.81 43.13
N ASN C 79 26.53 -7.45 42.57
CA ASN C 79 25.36 -6.69 42.10
C ASN C 79 24.64 -6.00 43.25
N ALA C 80 24.68 -6.57 44.46
CA ALA C 80 24.05 -5.93 45.60
C ALA C 80 24.70 -4.60 45.96
N LYS C 81 25.97 -4.41 45.63
CA LYS C 81 26.65 -3.14 45.86
C LYS C 81 26.92 -2.37 44.57
N ASN C 82 26.38 -2.86 43.44
N ASN C 82 26.39 -2.86 43.43
CA ASN C 82 26.58 -2.26 42.12
CA ASN C 82 26.58 -2.20 42.14
C ASN C 82 28.06 -2.00 41.86
C ASN C 82 28.06 -2.00 41.83
N ALA C 83 28.87 -3.03 42.10
CA ALA C 83 30.31 -2.94 41.98
C ALA C 83 30.84 -4.00 41.02
N VAL C 84 32.01 -3.71 40.46
CA VAL C 84 32.75 -4.65 39.61
C VAL C 84 34.22 -4.50 39.96
N TYR C 85 34.93 -5.62 39.99
CA TYR C 85 36.29 -5.67 40.47
C TYR C 85 37.18 -6.36 39.47
N LEU C 86 38.48 -6.07 39.56
CA LEU C 86 39.49 -6.68 38.71
C LEU C 86 40.74 -6.95 39.55
N GLN C 87 41.07 -8.23 39.74
CA GLN C 87 42.34 -8.61 40.33
C GLN C 87 43.35 -8.82 39.21
N MET C 88 44.55 -8.29 39.39
CA MET C 88 45.62 -8.48 38.42
C MET C 88 46.86 -8.96 39.17
N ASN C 89 47.31 -10.16 38.84
CA ASN C 89 48.49 -10.76 39.44
C ASN C 89 49.55 -10.95 38.37
N ASN C 90 50.80 -11.04 38.82
CA ASN C 90 51.94 -11.24 37.92
C ASN C 90 51.93 -10.18 36.81
N LEU C 91 51.79 -8.93 37.23
CA LEU C 91 51.68 -7.82 36.29
C LEU C 91 52.95 -7.70 35.45
N LYS C 92 52.78 -7.48 34.15
CA LYS C 92 53.88 -7.28 33.23
C LYS C 92 53.88 -5.84 32.71
N PRO C 93 55.04 -5.32 32.32
CA PRO C 93 55.09 -3.95 31.77
C PRO C 93 54.11 -3.72 30.64
N GLU C 94 53.76 -4.74 29.87
CA GLU C 94 52.78 -4.60 28.78
C GLU C 94 51.36 -4.40 29.31
N ASP C 95 51.16 -4.36 30.62
CA ASP C 95 49.85 -4.08 31.19
C ASP C 95 49.70 -2.62 31.61
N THR C 96 50.75 -1.82 31.46
CA THR C 96 50.67 -0.40 31.81
C THR C 96 49.71 0.30 30.86
N ALA C 97 48.64 0.85 31.41
CA ALA C 97 47.63 1.52 30.61
C ALA C 97 46.64 2.24 31.53
N VAL C 98 45.83 3.09 30.93
CA VAL C 98 44.65 3.61 31.62
C VAL C 98 43.54 2.59 31.50
N TYR C 99 42.96 2.20 32.63
CA TYR C 99 41.94 1.18 32.69
C TYR C 99 40.58 1.82 32.90
N TYR C 100 39.63 1.47 32.04
CA TYR C 100 38.29 2.01 32.09
C TYR C 100 37.29 0.89 32.39
N CYS C 101 36.30 1.20 33.20
CA CYS C 101 35.21 0.26 33.47
C CYS C 101 34.00 0.69 32.65
N ASN C 102 33.38 -0.29 31.99
CA ASN C 102 32.24 -0.05 31.11
C ASN C 102 31.06 -0.87 31.60
N ALA C 103 29.92 -0.23 31.77
CA ALA C 103 28.67 -0.90 32.14
C ALA C 103 27.64 -0.66 31.05
N VAL C 104 27.05 -1.73 30.55
CA VAL C 104 26.12 -1.65 29.43
C VAL C 104 24.76 -2.21 29.86
N ALA C 105 23.71 -1.45 29.58
CA ALA C 105 22.35 -1.91 29.77
C ALA C 105 21.57 -1.68 28.49
N VAL C 106 20.64 -2.58 28.20
CA VAL C 106 19.94 -2.59 26.92
C VAL C 106 18.45 -2.44 27.18
N ALA C 107 17.86 -1.40 26.57
CA ALA C 107 16.42 -1.18 26.58
C ALA C 107 16.03 -0.80 25.16
N GLY C 108 15.99 -1.79 24.27
CA GLY C 108 15.91 -1.53 22.85
C GLY C 108 17.22 -0.95 22.37
N ARG C 109 17.48 0.30 22.73
CA ARG C 109 18.78 0.94 22.55
C ARG C 109 19.74 0.48 23.63
N ALA C 110 21.03 0.43 23.29
CA ALA C 110 22.08 0.06 24.23
C ALA C 110 22.61 1.30 24.93
N PHE C 111 22.51 1.32 26.26
CA PHE C 111 23.04 2.40 27.08
C PHE C 111 24.37 1.96 27.69
N SER C 112 25.45 2.65 27.33
CA SER C 112 26.79 2.29 27.77
C SER C 112 27.38 3.42 28.59
N TYR C 113 27.93 3.08 29.75
CA TYR C 113 28.52 4.07 30.66
C TYR C 113 29.96 3.70 30.97
N TRP C 114 30.76 4.71 31.29
CA TRP C 114 32.19 4.55 31.45
C TRP C 114 32.66 5.25 32.72
N GLY C 115 33.52 4.56 33.47
CA GLY C 115 34.21 5.21 34.55
C GLY C 115 35.18 6.25 34.03
N GLN C 116 35.67 7.08 34.96
CA GLN C 116 36.55 8.19 34.60
C GLN C 116 37.94 7.72 34.21
N GLY C 117 38.30 6.47 34.48
CA GLY C 117 39.61 5.98 34.13
C GLY C 117 40.64 6.06 35.26
N THR C 118 41.43 5.01 35.40
CA THR C 118 42.50 4.96 36.39
C THR C 118 43.68 4.21 35.78
N GLN C 119 44.88 4.63 36.15
CA GLN C 119 46.08 4.18 35.45
C GLN C 119 46.80 3.11 36.27
N VAL C 120 47.20 2.05 35.58
CA VAL C 120 48.09 1.03 36.13
C VAL C 120 49.44 1.24 35.46
N THR C 121 50.48 1.42 36.28
CA THR C 121 51.84 1.63 35.78
C THR C 121 52.70 0.48 36.29
N VAL C 122 53.16 -0.37 35.38
CA VAL C 122 54.04 -1.48 35.69
C VAL C 122 55.43 -1.14 35.16
N SER C 123 56.38 -1.00 36.05
CA SER C 123 57.78 -0.80 35.69
C SER C 123 58.48 -2.15 35.55
N SER C 124 59.65 -2.13 34.94
CA SER C 124 60.47 -3.32 34.85
C SER C 124 61.19 -3.54 36.18
N ALA C 125 61.94 -4.64 36.28
CA ALA C 125 62.72 -4.92 37.47
C ALA C 125 64.19 -4.53 37.28
N PHE D 6 -24.70 0.53 -2.84
CA PHE D 6 -25.27 1.32 -1.75
C PHE D 6 -24.53 2.62 -1.38
N PRO D 7 -24.01 3.39 -2.36
CA PRO D 7 -23.33 4.64 -2.01
C PRO D 7 -24.31 5.76 -1.69
N ARG D 8 -24.01 6.48 -0.61
CA ARG D 8 -24.78 7.64 -0.19
C ARG D 8 -23.81 8.75 0.16
N PRO D 9 -24.14 10.00 -0.14
CA PRO D 9 -23.24 11.11 0.19
C PRO D 9 -23.14 11.31 1.69
N PRO D 10 -22.09 11.97 2.16
CA PRO D 10 -21.98 12.28 3.60
C PRO D 10 -23.10 13.20 4.04
N PRO D 11 -23.38 13.25 5.34
CA PRO D 11 -24.47 14.11 5.82
C PRO D 11 -24.18 15.58 5.57
N GLY D 12 -25.25 16.36 5.43
CA GLY D 12 -25.11 17.79 5.26
C GLY D 12 -24.67 18.16 3.85
N LYS D 13 -24.21 19.40 3.73
CA LYS D 13 -23.72 19.97 2.49
C LYS D 13 -22.21 19.90 2.41
N PRO D 14 -21.64 19.92 1.21
CA PRO D 14 -20.17 19.92 1.07
C PRO D 14 -19.60 21.25 1.52
N PRO D 15 -18.30 21.29 1.87
CA PRO D 15 -17.69 22.51 2.42
C PRO D 15 -17.05 23.41 1.37
N THR D 16 -17.77 23.63 0.27
CA THR D 16 -17.33 24.52 -0.82
C THR D 16 -15.89 24.27 -1.27
N ALA D 28 -13.12 1.38 -19.32
CA ALA D 28 -14.54 1.56 -19.57
C ALA D 28 -14.88 3.02 -19.86
N GLY D 29 -15.16 3.77 -18.79
CA GLY D 29 -15.42 5.19 -18.93
C GLY D 29 -16.78 5.63 -18.42
N ARG D 30 -17.82 4.90 -18.80
CA ARG D 30 -19.18 5.30 -18.44
C ARG D 30 -19.37 5.20 -16.93
N PRO D 31 -20.06 6.16 -16.33
CA PRO D 31 -20.40 6.04 -14.91
C PRO D 31 -21.44 4.95 -14.69
N LEU D 32 -21.43 4.41 -13.47
CA LEU D 32 -22.35 3.35 -13.07
C LEU D 32 -23.37 3.92 -12.10
N ARG D 33 -24.64 3.69 -12.38
CA ARG D 33 -25.73 4.23 -11.57
C ARG D 33 -26.18 3.21 -10.54
N ILE D 34 -26.18 3.61 -9.27
CA ILE D 34 -26.67 2.80 -8.17
C ILE D 34 -27.70 3.63 -7.42
N GLY D 35 -28.97 3.25 -7.51
CA GLY D 35 -30.02 4.12 -7.01
C GLY D 35 -30.05 5.39 -7.84
N ASP D 36 -30.14 6.54 -7.18
CA ASP D 36 -30.03 7.83 -7.85
C ASP D 36 -28.60 8.35 -7.87
N GLN D 37 -27.65 7.57 -7.38
CA GLN D 37 -26.26 7.99 -7.29
C GLN D 37 -25.48 7.53 -8.50
N LEU D 38 -24.40 8.25 -8.79
CA LEU D 38 -23.54 7.98 -9.92
C LEU D 38 -22.15 7.63 -9.41
N VAL D 39 -21.67 6.45 -9.75
CA VAL D 39 -20.31 6.03 -9.43
C VAL D 39 -19.45 6.35 -10.65
N LEU D 40 -18.51 7.28 -10.49
CA LEU D 40 -17.68 7.71 -11.60
C LEU D 40 -16.50 6.77 -11.76
N GLU D 41 -16.41 6.11 -12.91
CA GLU D 41 -15.33 5.19 -13.20
C GLU D 41 -14.28 5.86 -14.07
N GLU D 42 -13.02 5.46 -13.87
CA GLU D 42 -11.94 5.97 -14.69
C GLU D 42 -12.06 5.42 -16.11
N ASP D 43 -11.68 6.24 -17.09
CA ASP D 43 -11.64 5.83 -18.48
C ASP D 43 -10.19 5.64 -18.88
N TYR D 44 -9.84 4.40 -19.26
CA TYR D 44 -8.46 4.06 -19.56
C TYR D 44 -8.03 4.46 -20.96
N ASP D 45 -8.97 4.90 -21.81
CA ASP D 45 -8.62 5.26 -23.18
C ASP D 45 -7.93 6.61 -23.25
N GLU D 46 -8.18 7.50 -22.29
CA GLU D 46 -7.56 8.80 -22.25
C GLU D 46 -7.02 9.07 -20.85
N THR D 47 -6.26 10.15 -20.73
CA THR D 47 -5.67 10.59 -19.47
C THR D 47 -6.02 12.05 -19.31
N TYR D 48 -6.90 12.35 -18.37
CA TYR D 48 -7.22 13.74 -18.07
C TYR D 48 -6.06 14.38 -17.30
N ILE D 49 -5.68 15.58 -17.73
CA ILE D 49 -4.62 16.36 -17.10
C ILE D 49 -5.25 17.65 -16.60
N PRO D 50 -5.23 17.93 -15.30
CA PRO D 50 -5.78 19.20 -14.80
C PRO D 50 -4.88 20.37 -15.16
N SER D 51 -5.48 21.55 -15.14
CA SER D 51 -4.76 22.77 -15.48
C SER D 51 -3.77 23.15 -14.37
N GLU D 52 -2.80 24.00 -14.74
CA GLU D 52 -1.86 24.52 -13.76
C GLU D 52 -2.59 25.30 -12.66
N GLN D 53 -3.62 26.06 -13.04
CA GLN D 53 -4.39 26.80 -12.05
C GLN D 53 -5.00 25.88 -10.99
N GLU D 54 -5.50 24.72 -11.41
CA GLU D 54 -6.05 23.77 -10.46
C GLU D 54 -4.96 23.18 -9.58
N ILE D 55 -3.78 22.94 -10.15
CA ILE D 55 -2.68 22.37 -9.37
C ILE D 55 -2.22 23.34 -8.30
N LEU D 56 -2.19 24.64 -8.65
CA LEU D 56 -1.85 25.66 -7.65
C LEU D 56 -2.90 25.69 -6.55
N GLU D 57 -4.18 25.67 -6.92
CA GLU D 57 -5.24 25.67 -5.91
C GLU D 57 -5.17 24.44 -5.02
N PHE D 58 -4.88 23.28 -5.63
CA PHE D 58 -4.73 22.08 -4.81
C PHE D 58 -3.49 22.17 -3.92
N ALA D 59 -2.40 22.74 -4.44
CA ALA D 59 -1.22 22.97 -3.63
C ALA D 59 -1.55 23.75 -2.37
N ARG D 60 -2.33 24.84 -2.53
CA ARG D 60 -2.69 25.64 -1.37
C ARG D 60 -3.65 24.88 -0.45
N GLU D 61 -4.44 23.96 -1.01
CA GLU D 61 -5.36 23.18 -0.17
C GLU D 61 -4.64 22.19 0.73
N ILE D 62 -3.42 21.79 0.38
CA ILE D 62 -2.65 20.85 1.18
C ILE D 62 -1.49 21.54 1.89
N GLY D 63 -1.51 22.88 1.97
CA GLY D 63 -0.58 23.59 2.81
C GLY D 63 0.66 24.17 2.13
N ILE D 64 0.75 24.10 0.81
CA ILE D 64 1.89 24.64 0.08
C ILE D 64 1.67 26.11 -0.24
N ASP D 65 2.69 26.94 -0.04
CA ASP D 65 2.71 28.27 -0.61
C ASP D 65 3.51 28.23 -1.90
N PRO D 66 2.87 28.25 -3.07
CA PRO D 66 3.61 28.05 -4.32
C PRO D 66 4.62 29.14 -4.61
N ILE D 67 4.36 30.37 -4.16
CA ILE D 67 5.32 31.45 -4.38
C ILE D 67 6.55 31.28 -3.49
N LYS D 68 6.33 30.93 -2.22
CA LYS D 68 7.43 30.86 -1.27
C LYS D 68 8.09 29.49 -1.22
N GLU D 69 7.38 28.43 -1.59
CA GLU D 69 7.92 27.06 -1.52
C GLU D 69 7.67 26.33 -2.82
N PRO D 70 8.27 26.80 -3.93
CA PRO D 70 8.11 26.07 -5.19
C PRO D 70 8.71 24.68 -5.16
N GLU D 71 9.69 24.43 -4.29
CA GLU D 71 10.31 23.12 -4.18
C GLU D 71 9.34 22.05 -3.67
N LEU D 72 8.21 22.45 -3.09
CA LEU D 72 7.19 21.51 -2.64
C LEU D 72 6.12 21.24 -3.68
N MET D 73 6.15 21.92 -4.83
CA MET D 73 5.04 21.83 -5.78
C MET D 73 4.89 20.44 -6.38
N TRP D 74 5.99 19.69 -6.48
CA TRP D 74 5.89 18.34 -7.04
C TRP D 74 4.95 17.45 -6.23
N LEU D 75 4.79 17.74 -4.92
CA LEU D 75 3.85 16.97 -4.12
C LEU D 75 2.40 17.30 -4.47
N ALA D 76 2.13 18.54 -4.87
CA ALA D 76 0.78 18.88 -5.32
C ALA D 76 0.48 18.25 -6.67
N ARG D 77 1.48 18.16 -7.55
CA ARG D 77 1.27 17.53 -8.85
C ARG D 77 1.00 16.04 -8.70
N GLU D 78 1.72 15.39 -7.79
CA GLU D 78 1.46 13.96 -7.56
C GLU D 78 0.15 13.76 -6.83
N GLY D 79 -0.12 14.56 -5.80
CA GLY D 79 -1.32 14.35 -5.00
C GLY D 79 -2.61 14.67 -5.72
N ILE D 80 -2.56 15.57 -6.72
CA ILE D 80 -3.82 16.01 -7.29
C ILE D 80 -4.49 14.91 -8.10
N VAL D 81 -3.71 13.99 -8.68
CA VAL D 81 -4.24 12.89 -9.48
C VAL D 81 -3.98 11.55 -8.82
N ALA D 82 -3.82 11.55 -7.50
CA ALA D 82 -3.52 10.33 -6.78
C ALA D 82 -4.63 9.30 -6.97
N PRO D 83 -4.32 8.07 -7.35
CA PRO D 83 -5.38 7.07 -7.50
C PRO D 83 -6.04 6.76 -6.15
N LEU D 84 -7.34 6.50 -6.19
CA LEU D 84 -8.08 6.21 -4.97
C LEU D 84 -7.71 4.84 -4.45
N PRO D 85 -7.30 4.71 -3.19
CA PRO D 85 -6.82 3.43 -2.68
C PRO D 85 -7.95 2.46 -2.42
N GLY D 86 -7.61 1.18 -2.43
CA GLY D 86 -8.56 0.15 -2.03
C GLY D 86 -9.75 0.12 -2.95
N GLU D 87 -10.95 0.22 -2.36
CA GLU D 87 -12.20 0.24 -3.11
C GLU D 87 -12.91 1.57 -3.00
N TRP D 88 -12.15 2.64 -2.77
CA TRP D 88 -12.72 3.98 -2.83
C TRP D 88 -13.07 4.33 -4.27
N LYS D 89 -14.21 4.99 -4.44
CA LYS D 89 -14.66 5.42 -5.76
C LYS D 89 -15.22 6.82 -5.63
N PRO D 90 -15.05 7.65 -6.66
CA PRO D 90 -15.71 8.95 -6.65
C PRO D 90 -17.16 8.79 -7.07
N CYS D 91 -18.04 9.51 -6.38
CA CYS D 91 -19.47 9.44 -6.65
C CYS D 91 -20.04 10.84 -6.79
N GLN D 92 -21.24 10.91 -7.37
CA GLN D 92 -21.94 12.17 -7.60
C GLN D 92 -23.37 12.02 -7.13
N ASP D 93 -23.81 12.89 -6.21
CA ASP D 93 -25.18 12.81 -5.72
CA ASP D 93 -25.16 12.88 -5.68
C ASP D 93 -26.12 13.52 -6.69
N ILE D 94 -27.42 13.40 -6.41
CA ILE D 94 -28.45 13.96 -7.29
C ILE D 94 -28.36 15.48 -7.39
N THR D 95 -27.65 16.13 -6.47
CA THR D 95 -27.42 17.57 -6.55
C THR D 95 -26.19 17.92 -7.39
N GLY D 96 -25.41 16.94 -7.81
CA GLY D 96 -24.20 17.19 -8.55
C GLY D 96 -22.94 17.25 -7.70
N ASP D 97 -23.05 17.08 -6.39
CA ASP D 97 -21.89 17.15 -5.52
C ASP D 97 -21.05 15.88 -5.66
N ILE D 98 -19.74 16.07 -5.63
CA ILE D 98 -18.80 14.96 -5.68
C ILE D 98 -18.46 14.54 -4.26
N TYR D 99 -18.47 13.22 -4.02
CA TYR D 99 -18.00 12.66 -2.78
C TYR D 99 -17.30 11.35 -3.10
N TYR D 100 -16.75 10.73 -2.08
CA TYR D 100 -15.98 9.50 -2.25
C TYR D 100 -16.55 8.43 -1.33
N PHE D 101 -16.80 7.26 -1.90
CA PHE D 101 -17.41 6.15 -1.18
C PHE D 101 -16.44 4.99 -1.10
N ASN D 102 -16.29 4.42 0.09
CA ASN D 102 -15.48 3.23 0.31
C ASN D 102 -16.39 2.01 0.20
N PHE D 103 -16.38 1.36 -0.96
CA PHE D 103 -17.23 0.20 -1.15
C PHE D 103 -16.81 -1.01 -0.33
N ALA D 104 -15.71 -0.90 0.42
CA ALA D 104 -15.28 -2.00 1.29
C ALA D 104 -15.93 -1.95 2.67
N ASN D 105 -16.40 -0.79 3.11
CA ASN D 105 -16.97 -0.66 4.44
C ASN D 105 -18.10 0.35 4.52
N GLY D 106 -18.46 1.01 3.42
CA GLY D 106 -19.57 1.95 3.42
C GLY D 106 -19.26 3.32 3.96
N GLN D 107 -18.00 3.67 4.13
CA GLN D 107 -17.63 4.98 4.63
C GLN D 107 -17.70 6.02 3.52
N SER D 108 -18.12 7.23 3.87
CA SER D 108 -18.29 8.31 2.90
C SER D 108 -17.60 9.56 3.41
N MET D 109 -17.04 10.34 2.48
CA MET D 109 -16.41 11.60 2.83
C MET D 109 -16.46 12.52 1.62
N TRP D 110 -16.31 13.83 1.88
CA TRP D 110 -16.29 14.81 0.81
C TRP D 110 -14.91 14.94 0.18
N ASP D 111 -13.85 14.79 0.96
CA ASP D 111 -12.49 14.99 0.45
C ASP D 111 -11.97 13.73 -0.23
N HIS D 112 -10.97 13.94 -1.08
CA HIS D 112 -10.22 12.81 -1.62
C HIS D 112 -9.54 12.07 -0.48
N PRO D 113 -9.69 10.75 -0.37
CA PRO D 113 -9.13 10.02 0.78
C PRO D 113 -7.61 9.99 0.84
N CYS D 114 -6.90 10.55 -0.14
CA CYS D 114 -5.45 10.67 -0.06
C CYS D 114 -4.99 12.07 0.28
N ASP D 115 -5.90 13.05 0.40
CA ASP D 115 -5.50 14.43 0.64
C ASP D 115 -4.80 14.59 1.98
N GLU D 116 -5.31 13.94 3.02
CA GLU D 116 -4.66 14.02 4.33
C GLU D 116 -3.24 13.47 4.26
N HIS D 117 -3.05 12.32 3.60
CA HIS D 117 -1.72 11.76 3.45
C HIS D 117 -0.75 12.74 2.78
N TYR D 118 -1.20 13.43 1.73
CA TYR D 118 -0.35 14.38 1.04
C TYR D 118 -0.14 15.66 1.84
N ARG D 119 -1.10 16.04 2.69
CA ARG D 119 -0.85 17.13 3.64
C ARG D 119 0.30 16.78 4.56
N SER D 120 0.36 15.52 5.03
CA SER D 120 1.46 15.12 5.90
C SER D 120 2.77 15.04 5.11
N LEU D 121 2.73 14.61 3.85
CA LEU D 121 3.95 14.56 3.05
C LEU D 121 4.51 15.97 2.83
N VAL D 122 3.63 16.95 2.63
CA VAL D 122 4.06 18.34 2.52
C VAL D 122 4.77 18.79 3.78
N ILE D 123 4.25 18.38 4.95
CA ILE D 123 4.86 18.79 6.21
C ILE D 123 6.24 18.15 6.37
N GLN D 124 6.34 16.85 6.09
CA GLN D 124 7.63 16.18 6.22
C GLN D 124 8.65 16.74 5.25
N GLU D 125 8.24 16.94 3.99
CA GLU D 125 9.18 17.44 3.00
C GLU D 125 9.63 18.86 3.31
N ARG D 126 8.74 19.69 3.89
CA ARG D 126 9.13 21.05 4.24
C ARG D 126 10.28 21.06 5.23
N ALA D 127 10.23 20.17 6.23
CA ALA D 127 11.30 20.09 7.20
C ALA D 127 12.56 19.49 6.60
N LYS D 128 12.39 18.49 5.73
CA LYS D 128 13.55 17.86 5.10
C LYS D 128 14.39 18.87 4.32
N LEU D 129 13.75 19.90 3.76
CA LEU D 129 14.45 21.00 3.10
C LEU D 129 14.57 22.21 4.02
N SER D 130 14.74 21.97 5.32
CA SER D 130 14.82 23.01 6.34
C SER D 130 13.62 23.95 6.29
N PHE E 6 5.68 -22.28 -28.04
CA PHE E 6 4.75 -22.79 -29.06
C PHE E 6 3.34 -22.15 -28.94
N PRO E 7 2.66 -22.27 -27.80
CA PRO E 7 1.31 -21.68 -27.71
C PRO E 7 1.37 -20.17 -27.57
N ARG E 8 0.50 -19.49 -28.33
CA ARG E 8 0.36 -18.04 -28.32
C ARG E 8 -1.13 -17.72 -28.43
N PRO E 9 -1.57 -16.62 -27.81
CA PRO E 9 -2.99 -16.25 -27.89
C PRO E 9 -3.35 -15.73 -29.27
N PRO E 10 -4.62 -15.72 -29.62
CA PRO E 10 -5.04 -15.14 -30.90
C PRO E 10 -4.78 -13.65 -30.91
N PRO E 11 -4.74 -13.04 -32.10
CA PRO E 11 -4.50 -11.59 -32.17
C PRO E 11 -5.67 -10.78 -31.65
N GLY E 12 -5.38 -9.58 -31.16
CA GLY E 12 -6.40 -8.69 -30.68
C GLY E 12 -6.83 -8.98 -29.26
N LYS E 13 -8.00 -8.42 -28.90
CA LYS E 13 -8.56 -8.60 -27.57
C LYS E 13 -9.62 -9.70 -27.59
N PRO E 14 -9.82 -10.38 -26.47
CA PRO E 14 -10.86 -11.42 -26.40
C PRO E 14 -12.25 -10.79 -26.43
N PRO E 15 -13.28 -11.58 -26.71
CA PRO E 15 -14.64 -11.03 -26.77
C PRO E 15 -15.32 -11.01 -25.41
N THR E 16 -16.43 -10.25 -25.36
CA THR E 16 -17.29 -10.03 -24.18
C THR E 16 -17.06 -10.95 -22.98
N ALA E 28 -3.11 -34.74 -12.41
CA ALA E 28 -2.20 -33.81 -11.74
C ALA E 28 -2.92 -32.52 -11.36
N GLY E 29 -3.04 -31.61 -12.32
CA GLY E 29 -3.75 -30.35 -12.14
C GLY E 29 -2.89 -29.12 -12.33
N ARG E 30 -1.60 -29.22 -12.00
CA ARG E 30 -0.72 -28.06 -12.09
C ARG E 30 -0.57 -27.64 -13.55
N PRO E 31 -0.71 -26.35 -13.87
CA PRO E 31 -0.53 -25.92 -15.26
C PRO E 31 0.92 -26.03 -15.68
N LEU E 32 1.11 -26.19 -16.98
CA LEU E 32 2.43 -26.25 -17.59
C LEU E 32 2.77 -24.88 -18.17
N ARG E 33 3.95 -24.38 -17.86
CA ARG E 33 4.40 -23.06 -18.29
C ARG E 33 5.30 -23.21 -19.50
N ILE E 34 4.88 -22.65 -20.63
CA ILE E 34 5.67 -22.64 -21.85
C ILE E 34 5.92 -21.19 -22.22
N GLY E 35 7.17 -20.75 -22.07
CA GLY E 35 7.46 -19.34 -22.24
C GLY E 35 6.76 -18.55 -21.16
N ASP E 36 5.96 -17.56 -21.57
CA ASP E 36 5.14 -16.79 -20.65
C ASP E 36 3.68 -17.23 -20.68
N GLN E 37 3.38 -18.35 -21.33
CA GLN E 37 2.02 -18.86 -21.44
C GLN E 37 1.80 -20.03 -20.48
N LEU E 38 0.57 -20.15 -20.02
CA LEU E 38 0.16 -21.21 -19.11
C LEU E 38 -0.71 -22.20 -19.87
N VAL E 39 -0.31 -23.47 -19.87
CA VAL E 39 -1.12 -24.54 -20.44
C VAL E 39 -1.89 -25.18 -19.29
N LEU E 40 -3.22 -25.00 -19.29
CA LEU E 40 -4.04 -25.45 -18.17
C LEU E 40 -4.38 -26.92 -18.34
N GLU E 41 -3.82 -27.76 -17.47
CA GLU E 41 -4.06 -29.20 -17.52
C GLU E 41 -5.22 -29.56 -16.60
N GLU E 42 -5.93 -30.62 -16.97
CA GLU E 42 -7.01 -31.12 -16.14
C GLU E 42 -6.46 -31.88 -14.95
N ASP E 43 -7.16 -31.78 -13.82
CA ASP E 43 -6.85 -32.57 -12.63
C ASP E 43 -7.82 -33.75 -12.57
N TYR E 44 -7.27 -34.97 -12.53
CA TYR E 44 -8.07 -36.17 -12.52
C TYR E 44 -8.49 -36.60 -11.11
N ASP E 45 -7.96 -35.96 -10.07
CA ASP E 45 -8.28 -36.38 -8.71
C ASP E 45 -9.69 -35.96 -8.30
N GLU E 46 -10.21 -34.88 -8.88
CA GLU E 46 -11.59 -34.49 -8.64
C GLU E 46 -12.14 -33.82 -9.88
N THR E 47 -13.44 -33.56 -9.86
CA THR E 47 -14.17 -33.03 -10.99
C THR E 47 -14.75 -31.68 -10.60
N TYR E 48 -14.43 -30.65 -11.38
CA TYR E 48 -15.06 -29.35 -11.21
C TYR E 48 -16.43 -29.35 -11.86
N ILE E 49 -17.43 -28.88 -11.13
CA ILE E 49 -18.80 -28.81 -11.62
C ILE E 49 -19.17 -27.33 -11.72
N PRO E 50 -19.52 -26.84 -12.91
CA PRO E 50 -19.97 -25.45 -13.02
C PRO E 50 -21.34 -25.26 -12.38
N SER E 51 -21.62 -24.02 -12.01
CA SER E 51 -22.89 -23.71 -11.37
C SER E 51 -24.04 -23.77 -12.36
N GLU E 52 -25.26 -23.84 -11.83
CA GLU E 52 -26.44 -23.76 -12.67
C GLU E 52 -26.51 -22.42 -13.39
N GLN E 53 -26.06 -21.34 -12.74
CA GLN E 53 -26.02 -20.04 -13.41
C GLN E 53 -25.15 -20.09 -14.65
N GLU E 54 -23.99 -20.75 -14.56
CA GLU E 54 -23.11 -20.85 -15.73
C GLU E 54 -23.71 -21.73 -16.81
N ILE E 55 -24.36 -22.84 -16.42
CA ILE E 55 -25.00 -23.71 -17.40
C ILE E 55 -26.12 -22.98 -18.12
N LEU E 56 -26.92 -22.21 -17.37
CA LEU E 56 -27.94 -21.38 -18.01
C LEU E 56 -27.31 -20.38 -18.96
N GLU E 57 -26.18 -19.76 -18.56
CA GLU E 57 -25.55 -18.78 -19.41
C GLU E 57 -24.96 -19.42 -20.67
N PHE E 58 -24.38 -20.62 -20.53
CA PHE E 58 -23.88 -21.34 -21.68
C PHE E 58 -25.03 -21.74 -22.62
N ALA E 59 -26.15 -22.18 -22.05
CA ALA E 59 -27.31 -22.52 -22.86
C ALA E 59 -27.74 -21.34 -23.73
N ARG E 60 -27.76 -20.14 -23.15
CA ARG E 60 -28.12 -18.97 -23.97
C ARG E 60 -27.05 -18.68 -25.00
N GLU E 61 -25.79 -19.04 -24.72
CA GLU E 61 -24.71 -18.73 -25.65
C GLU E 61 -24.73 -19.66 -26.85
N ILE E 62 -25.29 -20.86 -26.71
CA ILE E 62 -25.41 -21.79 -27.82
C ILE E 62 -26.83 -21.81 -28.39
N GLY E 63 -27.64 -20.80 -28.06
CA GLY E 63 -28.93 -20.62 -28.71
C GLY E 63 -30.10 -21.32 -28.06
N ILE E 64 -29.99 -21.75 -26.81
CA ILE E 64 -31.11 -22.38 -26.11
C ILE E 64 -31.87 -21.33 -25.33
N ASP E 65 -33.20 -21.38 -25.39
CA ASP E 65 -34.05 -20.61 -24.49
C ASP E 65 -34.45 -21.49 -23.32
N PRO E 66 -33.79 -21.38 -22.16
CA PRO E 66 -34.04 -22.35 -21.08
C PRO E 66 -35.48 -22.34 -20.56
N ILE E 67 -36.18 -21.23 -20.66
CA ILE E 67 -37.57 -21.17 -20.18
C ILE E 67 -38.50 -21.87 -21.17
N LYS E 68 -38.33 -21.59 -22.46
CA LYS E 68 -39.22 -22.12 -23.48
C LYS E 68 -38.81 -23.50 -23.98
N GLU E 69 -37.51 -23.82 -23.97
CA GLU E 69 -37.01 -25.09 -24.48
C GLU E 69 -36.20 -25.85 -23.43
N PRO E 70 -36.83 -26.24 -22.31
CA PRO E 70 -36.09 -27.03 -21.31
C PRO E 70 -35.71 -28.42 -21.81
N GLU E 71 -36.37 -28.92 -22.84
CA GLU E 71 -36.00 -30.21 -23.42
C GLU E 71 -34.64 -30.19 -24.10
N LEU E 72 -34.07 -29.01 -24.37
CA LEU E 72 -32.74 -28.88 -24.97
C LEU E 72 -31.64 -28.66 -23.95
N MET E 73 -31.99 -28.47 -22.68
CA MET E 73 -31.02 -28.10 -21.67
C MET E 73 -29.91 -29.15 -21.53
N TRP E 74 -30.23 -30.42 -21.78
CA TRP E 74 -29.23 -31.47 -21.65
C TRP E 74 -28.06 -31.23 -22.61
N LEU E 75 -28.29 -30.54 -23.74
CA LEU E 75 -27.20 -30.21 -24.64
C LEU E 75 -26.28 -29.15 -24.04
N ALA E 76 -26.82 -28.24 -23.24
CA ALA E 76 -25.97 -27.26 -22.56
C ALA E 76 -25.13 -27.94 -21.48
N ARG E 77 -25.74 -28.85 -20.71
CA ARG E 77 -24.98 -29.53 -19.66
C ARG E 77 -23.87 -30.39 -20.24
N GLU E 78 -24.11 -30.99 -21.41
CA GLU E 78 -23.09 -31.80 -22.07
C GLU E 78 -22.00 -30.92 -22.67
N GLY E 79 -22.38 -29.81 -23.31
CA GLY E 79 -21.42 -29.03 -24.06
C GLY E 79 -20.55 -28.15 -23.19
N ILE E 80 -21.04 -27.74 -22.02
CA ILE E 80 -20.29 -26.80 -21.21
C ILE E 80 -19.01 -27.46 -20.66
N VAL E 81 -19.01 -28.77 -20.47
CA VAL E 81 -17.84 -29.49 -19.97
C VAL E 81 -17.30 -30.46 -21.03
N ALA E 82 -17.58 -30.20 -22.30
CA ALA E 82 -17.16 -31.11 -23.35
C ALA E 82 -15.63 -31.17 -23.42
N PRO E 83 -15.04 -32.35 -23.42
CA PRO E 83 -13.57 -32.45 -23.52
C PRO E 83 -13.06 -31.89 -24.84
N LEU E 84 -11.88 -31.29 -24.79
CA LEU E 84 -11.28 -30.68 -25.97
C LEU E 84 -10.79 -31.76 -26.93
N PRO E 85 -11.24 -31.76 -28.18
CA PRO E 85 -10.86 -32.86 -29.08
C PRO E 85 -9.40 -32.78 -29.48
N GLY E 86 -8.87 -33.93 -29.91
CA GLY E 86 -7.53 -33.97 -30.46
C GLY E 86 -6.52 -33.50 -29.46
N GLU E 87 -5.71 -32.52 -29.86
CA GLU E 87 -4.65 -31.98 -29.02
C GLU E 87 -4.91 -30.53 -28.62
N TRP E 88 -6.18 -30.14 -28.61
CA TRP E 88 -6.55 -28.82 -28.13
C TRP E 88 -6.33 -28.74 -26.63
N LYS E 89 -5.87 -27.58 -26.16
CA LYS E 89 -5.61 -27.38 -24.75
C LYS E 89 -6.04 -25.97 -24.36
N PRO E 90 -6.58 -25.78 -23.15
CA PRO E 90 -6.89 -24.42 -22.70
C PRO E 90 -5.62 -23.75 -22.21
N CYS E 91 -5.44 -22.49 -22.59
CA CYS E 91 -4.24 -21.74 -22.24
C CYS E 91 -4.63 -20.40 -21.63
N GLN E 92 -3.67 -19.79 -20.95
CA GLN E 92 -3.84 -18.51 -20.30
C GLN E 92 -2.65 -17.63 -20.63
N ASP E 93 -2.90 -16.48 -21.26
CA ASP E 93 -1.82 -15.56 -21.58
CA ASP E 93 -1.87 -15.49 -21.59
C ASP E 93 -1.43 -14.73 -20.34
N ILE E 94 -0.40 -13.91 -20.50
CA ILE E 94 0.14 -13.10 -19.42
C ILE E 94 -0.85 -12.03 -18.92
N THR E 95 -1.93 -11.78 -19.66
CA THR E 95 -2.98 -10.89 -19.22
C THR E 95 -4.07 -11.61 -18.43
N GLY E 96 -3.99 -12.93 -18.32
CA GLY E 96 -5.02 -13.71 -17.66
C GLY E 96 -6.13 -14.19 -18.56
N ASP E 97 -6.12 -13.81 -19.83
CA ASP E 97 -7.15 -14.24 -20.75
C ASP E 97 -7.01 -15.72 -21.06
N ILE E 98 -8.15 -16.40 -21.15
CA ILE E 98 -8.21 -17.79 -21.56
C ILE E 98 -8.30 -17.87 -23.07
N TYR E 99 -7.56 -18.80 -23.66
CA TYR E 99 -7.72 -19.12 -25.07
C TYR E 99 -7.46 -20.60 -25.23
N TYR E 100 -7.64 -21.09 -26.46
CA TYR E 100 -7.48 -22.51 -26.76
C TYR E 100 -6.48 -22.68 -27.89
N PHE E 101 -5.53 -23.60 -27.69
CA PHE E 101 -4.44 -23.82 -28.63
C PHE E 101 -4.45 -25.27 -29.09
N ASN E 102 -4.36 -25.47 -30.40
CA ASN E 102 -4.28 -26.82 -30.99
C ASN E 102 -2.83 -27.17 -31.19
N PHE E 103 -2.28 -28.00 -30.30
CA PHE E 103 -0.87 -28.35 -30.38
C PHE E 103 -0.55 -29.24 -31.58
N ALA E 104 -1.55 -29.69 -32.34
CA ALA E 104 -1.28 -30.50 -33.51
C ALA E 104 -0.93 -29.65 -34.73
N ASN E 105 -1.51 -28.45 -34.85
CA ASN E 105 -1.28 -27.60 -36.01
C ASN E 105 -1.03 -26.14 -35.67
N GLY E 106 -0.99 -25.78 -34.39
CA GLY E 106 -0.66 -24.42 -33.99
C GLY E 106 -1.78 -23.43 -34.10
N GLN E 107 -3.00 -23.85 -34.43
CA GLN E 107 -4.12 -22.94 -34.55
CA GLN E 107 -4.10 -22.92 -34.56
C GLN E 107 -4.58 -22.48 -33.18
N SER E 108 -4.96 -21.20 -33.07
CA SER E 108 -5.36 -20.60 -31.81
C SER E 108 -6.71 -19.91 -31.95
N MET E 109 -7.51 -19.95 -30.88
CA MET E 109 -8.82 -19.33 -30.91
C MET E 109 -9.28 -19.02 -29.49
N TRP E 110 -10.16 -18.02 -29.38
CA TRP E 110 -10.67 -17.61 -28.07
C TRP E 110 -11.72 -18.59 -27.54
N ASP E 111 -12.59 -19.07 -28.40
CA ASP E 111 -13.73 -19.88 -27.98
C ASP E 111 -13.36 -21.35 -27.87
N HIS E 112 -14.12 -22.05 -27.04
CA HIS E 112 -13.98 -23.49 -26.92
C HIS E 112 -14.21 -24.13 -28.27
N PRO E 113 -13.31 -25.01 -28.74
CA PRO E 113 -13.45 -25.56 -30.10
C PRO E 113 -14.66 -26.46 -30.32
N CYS E 114 -15.42 -26.81 -29.29
CA CYS E 114 -16.62 -27.61 -29.47
C CYS E 114 -17.90 -26.80 -29.46
N ASP E 115 -17.83 -25.50 -29.18
CA ASP E 115 -19.03 -24.68 -29.05
C ASP E 115 -19.83 -24.64 -30.36
N GLU E 116 -19.14 -24.52 -31.50
CA GLU E 116 -19.85 -24.50 -32.77
C GLU E 116 -20.61 -25.80 -33.00
N HIS E 117 -19.97 -26.93 -32.70
CA HIS E 117 -20.62 -28.23 -32.83
C HIS E 117 -21.91 -28.28 -32.01
N TYR E 118 -21.87 -27.84 -30.75
CA TYR E 118 -23.06 -27.90 -29.92
C TYR E 118 -24.11 -26.87 -30.30
N ARG E 119 -23.68 -25.75 -30.89
CA ARG E 119 -24.65 -24.83 -31.49
C ARG E 119 -25.43 -25.52 -32.60
N SER E 120 -24.74 -26.29 -33.42
CA SER E 120 -25.40 -27.04 -34.49
C SER E 120 -26.32 -28.11 -33.91
N LEU E 121 -25.88 -28.81 -32.86
CA LEU E 121 -26.72 -29.83 -32.24
C LEU E 121 -28.02 -29.22 -31.73
N VAL E 122 -27.94 -28.03 -31.13
CA VAL E 122 -29.14 -27.37 -30.61
C VAL E 122 -30.12 -27.08 -31.75
N ILE E 123 -29.61 -26.63 -32.89
CA ILE E 123 -30.48 -26.35 -34.04
C ILE E 123 -31.14 -27.63 -34.54
N GLN E 124 -30.38 -28.73 -34.59
CA GLN E 124 -30.93 -30.00 -35.07
C GLN E 124 -31.95 -30.57 -34.09
N GLU E 125 -31.61 -30.60 -32.81
CA GLU E 125 -32.51 -31.18 -31.82
C GLU E 125 -33.81 -30.38 -31.70
N ARG E 126 -33.72 -29.05 -31.85
CA ARG E 126 -34.95 -28.26 -31.86
C ARG E 126 -35.85 -28.65 -33.02
N ALA E 127 -35.26 -28.90 -34.20
CA ALA E 127 -36.07 -29.30 -35.34
C ALA E 127 -36.63 -30.70 -35.14
N LYS E 128 -35.85 -31.59 -34.52
CA LYS E 128 -36.30 -32.96 -34.30
C LYS E 128 -37.55 -33.02 -33.44
N LEU E 129 -37.75 -32.03 -32.57
CA LEU E 129 -38.90 -32.00 -31.67
C LEU E 129 -40.06 -31.17 -32.24
N SER E 130 -40.26 -31.22 -33.55
CA SER E 130 -41.40 -30.55 -34.20
C SER E 130 -41.54 -31.00 -35.65
N PHE F 6 30.46 -12.18 11.68
CA PHE F 6 29.59 -11.49 10.73
C PHE F 6 29.32 -10.01 11.09
N PRO F 7 29.01 -9.69 12.35
CA PRO F 7 28.80 -8.28 12.70
C PRO F 7 30.11 -7.51 12.74
N ARG F 8 30.15 -6.38 12.04
CA ARG F 8 31.30 -5.49 12.02
C ARG F 8 30.85 -4.07 12.30
N PRO F 9 31.64 -3.30 13.05
CA PRO F 9 31.31 -1.89 13.27
C PRO F 9 31.49 -1.09 11.99
N PRO F 10 30.90 0.10 11.90
CA PRO F 10 31.07 0.92 10.71
C PRO F 10 32.53 1.34 10.55
N PRO F 11 32.93 1.75 9.35
CA PRO F 11 34.32 2.17 9.15
C PRO F 11 34.66 3.40 9.97
N GLY F 12 35.96 3.56 10.23
CA GLY F 12 36.40 4.72 10.97
C GLY F 12 36.02 4.65 12.44
N LYS F 13 36.14 5.81 13.08
CA LYS F 13 35.89 5.96 14.51
C LYS F 13 34.46 6.41 14.77
N PRO F 14 33.94 6.18 15.97
CA PRO F 14 32.59 6.63 16.28
C PRO F 14 32.55 8.14 16.48
N PRO F 15 31.42 8.78 16.18
CA PRO F 15 31.33 10.23 16.35
C PRO F 15 31.04 10.59 17.79
N THR F 16 31.80 11.54 18.32
CA THR F 16 31.63 11.99 19.71
C THR F 16 30.25 12.60 19.93
N ALA F 28 17.72 -15.02 26.52
CA ALA F 28 18.82 -15.23 27.47
C ALA F 28 18.93 -14.06 28.44
N GLY F 29 19.68 -13.03 28.05
CA GLY F 29 19.97 -11.91 28.90
C GLY F 29 21.45 -11.55 28.86
N ARG F 30 22.30 -12.57 28.87
CA ARG F 30 23.72 -12.35 28.71
C ARG F 30 24.03 -12.02 27.24
N PRO F 31 25.06 -11.24 26.98
CA PRO F 31 25.44 -10.93 25.60
C PRO F 31 26.15 -12.11 24.93
N LEU F 32 26.08 -12.10 23.61
CA LEU F 32 26.65 -13.17 22.77
C LEU F 32 27.92 -12.66 22.10
N ARG F 33 28.93 -13.53 22.05
CA ARG F 33 30.23 -13.21 21.47
C ARG F 33 30.36 -13.89 20.11
N ILE F 34 30.60 -13.09 19.07
CA ILE F 34 30.85 -13.59 17.72
C ILE F 34 32.19 -13.03 17.28
N GLY F 35 33.21 -13.87 17.30
CA GLY F 35 34.56 -13.37 17.03
C GLY F 35 35.01 -12.49 18.18
N ASP F 36 35.55 -11.32 17.85
CA ASP F 36 35.90 -10.31 18.83
C ASP F 36 34.77 -9.34 19.12
N GLN F 37 33.57 -9.61 18.59
CA GLN F 37 32.43 -8.73 18.73
C GLN F 37 31.49 -9.23 19.81
N LEU F 38 30.72 -8.30 20.37
CA LEU F 38 29.74 -8.58 21.41
C LEU F 38 28.38 -8.14 20.93
N VAL F 39 27.44 -9.07 20.82
CA VAL F 39 26.06 -8.77 20.48
C VAL F 39 25.29 -8.65 21.78
N LEU F 40 24.80 -7.46 22.06
CA LEU F 40 24.13 -7.19 23.33
C LEU F 40 22.66 -7.60 23.23
N GLU F 41 22.27 -8.58 24.03
CA GLU F 41 20.91 -9.10 24.02
C GLU F 41 20.07 -8.44 25.10
N GLU F 42 18.75 -8.42 24.88
CA GLU F 42 17.82 -7.90 25.87
C GLU F 42 17.64 -8.90 26.99
N ASP F 43 17.68 -8.42 28.23
CA ASP F 43 17.32 -9.22 29.39
C ASP F 43 15.86 -8.92 29.71
N TYR F 44 15.03 -9.97 29.77
CA TYR F 44 13.61 -9.78 29.93
C TYR F 44 13.14 -9.84 31.38
N ASP F 45 13.98 -10.38 32.28
CA ASP F 45 13.61 -10.41 33.69
C ASP F 45 13.60 -9.01 34.30
N GLU F 46 14.36 -8.09 33.71
CA GLU F 46 14.38 -6.69 34.13
C GLU F 46 14.22 -5.80 32.91
N THR F 47 13.78 -4.57 33.14
CA THR F 47 13.67 -3.56 32.10
C THR F 47 14.41 -2.32 32.56
N TYR F 48 15.42 -1.90 31.80
CA TYR F 48 16.21 -0.75 32.18
C TYR F 48 15.42 0.53 31.95
N ILE F 49 15.44 1.42 32.92
CA ILE F 49 14.82 2.73 32.85
C ILE F 49 15.93 3.77 32.69
N PRO F 50 15.97 4.52 31.60
CA PRO F 50 16.96 5.59 31.48
C PRO F 50 16.58 6.78 32.34
N SER F 51 17.60 7.57 32.70
CA SER F 51 17.38 8.74 33.55
C SER F 51 16.71 9.86 32.76
N GLU F 52 16.10 10.78 33.51
CA GLU F 52 15.49 11.95 32.88
C GLU F 52 16.53 12.87 32.27
N GLN F 53 17.78 12.78 32.71
CA GLN F 53 18.85 13.54 32.07
C GLN F 53 19.13 13.00 30.66
N GLU F 54 19.10 11.68 30.50
CA GLU F 54 19.33 11.09 29.18
C GLU F 54 18.13 11.28 28.27
N ILE F 55 16.92 11.26 28.81
CA ILE F 55 15.74 11.54 28.01
C ILE F 55 15.76 12.97 27.50
N LEU F 56 16.34 13.89 28.28
CA LEU F 56 16.47 15.27 27.83
C LEU F 56 17.47 15.37 26.67
N GLU F 57 18.59 14.66 26.77
CA GLU F 57 19.56 14.69 25.69
C GLU F 57 19.01 14.04 24.42
N PHE F 58 18.33 12.89 24.57
CA PHE F 58 17.75 12.23 23.40
C PHE F 58 16.76 13.14 22.68
N ALA F 59 15.97 13.91 23.43
CA ALA F 59 15.06 14.86 22.81
C ALA F 59 15.80 15.91 22.00
N ARG F 60 16.93 16.41 22.53
CA ARG F 60 17.73 17.36 21.77
C ARG F 60 18.30 16.73 20.52
N GLU F 61 18.63 15.44 20.57
CA GLU F 61 19.21 14.75 19.41
C GLU F 61 18.17 14.38 18.37
N ILE F 62 16.88 14.49 18.68
CA ILE F 62 15.84 14.21 17.69
C ILE F 62 15.06 15.48 17.38
N GLY F 63 15.72 16.63 17.46
CA GLY F 63 15.14 17.87 16.99
C GLY F 63 14.13 18.50 17.90
N ILE F 64 14.44 18.61 19.19
CA ILE F 64 13.52 19.17 20.17
C ILE F 64 14.32 20.09 21.09
N ASP F 65 13.77 21.27 21.34
CA ASP F 65 14.31 22.11 22.40
C ASP F 65 13.53 21.80 23.66
N PRO F 66 14.13 21.12 24.64
CA PRO F 66 13.42 20.81 25.90
C PRO F 66 12.76 22.01 26.56
N ILE F 67 13.51 23.10 26.71
CA ILE F 67 13.03 24.31 27.35
C ILE F 67 11.85 24.86 26.55
N LYS F 68 12.11 25.23 25.29
CA LYS F 68 11.13 25.99 24.53
C LYS F 68 10.01 25.14 23.94
N GLU F 69 10.21 23.82 23.81
CA GLU F 69 9.25 22.95 23.13
C GLU F 69 8.96 21.72 23.98
N PRO F 70 8.18 21.87 25.05
CA PRO F 70 7.98 20.76 25.98
C PRO F 70 6.84 19.81 25.62
N GLU F 71 5.91 20.17 24.73
CA GLU F 71 4.80 19.27 24.40
C GLU F 71 5.19 18.15 23.45
N LEU F 72 6.40 18.17 22.90
CA LEU F 72 6.90 17.02 22.16
C LEU F 72 8.05 16.40 22.95
N MET F 73 7.70 15.78 24.06
CA MET F 73 8.64 14.95 24.79
C MET F 73 8.20 13.53 24.95
N TRP F 74 6.91 13.28 24.86
CA TRP F 74 6.36 11.94 24.89
C TRP F 74 6.87 11.06 23.74
N LEU F 75 7.38 11.69 22.67
CA LEU F 75 8.03 10.96 21.59
C LEU F 75 9.48 10.65 21.90
N ALA F 76 10.15 11.55 22.63
CA ALA F 76 11.47 11.26 23.18
C ALA F 76 11.40 10.12 24.19
N ARG F 77 10.38 10.13 25.05
CA ARG F 77 10.21 9.03 26.00
C ARG F 77 9.98 7.71 25.28
N GLU F 78 9.15 7.72 24.24
CA GLU F 78 8.88 6.49 23.50
C GLU F 78 10.10 6.06 22.71
N GLY F 79 10.76 7.00 22.03
CA GLY F 79 11.82 6.64 21.11
C GLY F 79 13.10 6.17 21.78
N ILE F 80 13.40 6.67 22.99
CA ILE F 80 14.67 6.35 23.61
C ILE F 80 14.78 4.85 23.91
N VAL F 81 13.65 4.17 24.10
CA VAL F 81 13.65 2.73 24.34
C VAL F 81 13.03 1.98 23.17
N ALA F 82 12.83 2.64 22.04
CA ALA F 82 12.19 2.01 20.88
C ALA F 82 12.92 0.72 20.50
N PRO F 83 12.22 -0.41 20.45
CA PRO F 83 12.89 -1.68 20.11
C PRO F 83 13.46 -1.65 18.70
N LEU F 84 14.55 -2.38 18.52
CA LEU F 84 15.23 -2.45 17.23
C LEU F 84 14.43 -3.29 16.25
N PRO F 85 14.03 -2.76 15.10
CA PRO F 85 13.16 -3.50 14.19
C PRO F 85 13.92 -4.60 13.44
N GLY F 86 13.16 -5.58 12.96
CA GLY F 86 13.71 -6.62 12.13
C GLY F 86 14.78 -7.42 12.84
N GLU F 87 15.91 -7.61 12.17
CA GLU F 87 17.07 -8.30 12.72
C GLU F 87 18.15 -7.34 13.20
N TRP F 88 17.79 -6.09 13.47
CA TRP F 88 18.75 -5.14 14.03
C TRP F 88 19.09 -5.53 15.45
N LYS F 89 20.36 -5.39 15.82
CA LYS F 89 20.82 -5.76 17.15
C LYS F 89 21.89 -4.77 17.59
N PRO F 90 21.96 -4.47 18.89
CA PRO F 90 23.04 -3.61 19.38
C PRO F 90 24.31 -4.42 19.59
N CYS F 91 25.44 -3.83 19.18
CA CYS F 91 26.72 -4.53 19.22
C CYS F 91 27.79 -3.64 19.82
N GLN F 92 28.83 -4.28 20.34
CA GLN F 92 29.96 -3.60 20.94
C GLN F 92 31.25 -4.13 20.33
N ASP F 93 32.04 -3.24 19.75
CA ASP F 93 33.32 -3.65 19.17
CA ASP F 93 33.33 -3.61 19.17
C ASP F 93 34.35 -3.88 20.28
N ILE F 94 35.54 -4.33 19.87
CA ILE F 94 36.61 -4.65 20.80
C ILE F 94 37.00 -3.45 21.65
N THR F 95 36.77 -2.24 21.13
CA THR F 95 37.12 -1.03 21.87
C THR F 95 36.01 -0.54 22.80
N GLY F 96 34.83 -1.19 22.77
CA GLY F 96 33.75 -0.84 23.66
C GLY F 96 32.71 0.11 23.07
N ASP F 97 32.91 0.60 21.86
CA ASP F 97 31.93 1.49 21.27
C ASP F 97 30.68 0.72 20.86
N ILE F 98 29.53 1.38 21.00
CA ILE F 98 28.25 0.78 20.64
C ILE F 98 27.97 1.09 19.18
N TYR F 99 27.45 0.09 18.46
CA TYR F 99 26.92 0.28 17.12
C TYR F 99 25.77 -0.69 16.92
N TYR F 100 25.10 -0.57 15.77
CA TYR F 100 23.92 -1.38 15.49
C TYR F 100 24.12 -2.09 14.16
N PHE F 101 23.82 -3.40 14.15
CA PHE F 101 24.06 -4.25 13.00
C PHE F 101 22.77 -4.93 12.59
N ASN F 102 22.47 -4.88 11.30
CA ASN F 102 21.31 -5.57 10.74
C ASN F 102 21.75 -6.93 10.24
N PHE F 103 21.37 -7.99 10.96
CA PHE F 103 21.77 -9.35 10.58
C PHE F 103 21.01 -9.86 9.37
N ALA F 104 20.09 -9.09 8.81
CA ALA F 104 19.39 -9.51 7.61
C ALA F 104 20.22 -9.20 6.35
N ASN F 105 20.72 -7.97 6.23
CA ASN F 105 21.47 -7.55 5.06
C ASN F 105 22.92 -7.18 5.35
N GLY F 106 23.33 -7.16 6.61
CA GLY F 106 24.71 -6.87 6.96
C GLY F 106 25.07 -5.40 7.05
N GLN F 107 24.10 -4.50 6.98
CA GLN F 107 24.41 -3.08 7.12
C GLN F 107 24.70 -2.75 8.57
N SER F 108 25.46 -1.67 8.78
CA SER F 108 25.91 -1.32 10.10
C SER F 108 25.98 0.20 10.21
N MET F 109 25.56 0.73 11.36
CA MET F 109 25.54 2.16 11.57
C MET F 109 25.84 2.46 13.03
N TRP F 110 26.20 3.72 13.31
CA TRP F 110 26.49 4.14 14.67
C TRP F 110 25.22 4.48 15.45
N ASP F 111 24.19 5.00 14.78
CA ASP F 111 22.99 5.45 15.46
C ASP F 111 21.97 4.33 15.61
N HIS F 112 21.03 4.55 16.51
CA HIS F 112 19.86 3.69 16.61
C HIS F 112 19.07 3.75 15.30
N PRO F 113 18.72 2.62 14.70
CA PRO F 113 18.03 2.66 13.39
C PRO F 113 16.62 3.23 13.44
N CYS F 114 16.06 3.46 14.62
CA CYS F 114 14.74 4.06 14.74
C CYS F 114 14.79 5.56 14.99
N ASP F 115 15.98 6.15 15.07
CA ASP F 115 16.08 7.57 15.43
C ASP F 115 15.47 8.45 14.35
N GLU F 116 15.80 8.18 13.08
CA GLU F 116 15.24 8.97 11.99
C GLU F 116 13.72 8.93 12.01
N HIS F 117 13.14 7.74 12.15
CA HIS F 117 11.69 7.59 12.19
C HIS F 117 11.07 8.42 13.32
N TYR F 118 11.77 8.57 14.45
CA TYR F 118 11.25 9.39 15.53
C TYR F 118 11.57 10.87 15.33
N ARG F 119 12.62 11.19 14.57
CA ARG F 119 12.83 12.58 14.18
C ARG F 119 11.72 13.04 13.25
N SER F 120 11.24 12.16 12.36
CA SER F 120 10.17 12.54 11.46
C SER F 120 8.84 12.62 12.19
N LEU F 121 8.61 11.72 13.16
CA LEU F 121 7.41 11.81 13.98
C LEU F 121 7.39 13.13 14.74
N VAL F 122 8.55 13.58 15.21
CA VAL F 122 8.63 14.86 15.91
C VAL F 122 8.29 16.01 14.97
N ILE F 123 8.75 15.93 13.72
CA ILE F 123 8.45 16.96 12.73
C ILE F 123 6.95 16.99 12.44
N GLN F 124 6.33 15.81 12.31
CA GLN F 124 4.91 15.74 12.05
C GLN F 124 4.10 16.22 13.25
N GLU F 125 4.47 15.80 14.46
CA GLU F 125 3.73 16.19 15.65
C GLU F 125 3.92 17.66 15.98
N ARG F 126 5.06 18.25 15.61
CA ARG F 126 5.24 19.69 15.80
C ARG F 126 4.26 20.48 14.95
N ALA F 127 4.10 20.08 13.69
CA ALA F 127 3.16 20.78 12.81
C ALA F 127 1.71 20.55 13.22
N LYS F 128 1.42 19.39 13.82
CA LYS F 128 0.05 19.10 14.23
C LYS F 128 -0.46 20.13 15.23
N LEU F 129 0.42 20.67 16.06
CA LEU F 129 0.03 21.68 17.06
C LEU F 129 0.25 23.08 16.49
N SER F 130 -0.65 23.45 15.57
CA SER F 130 -0.59 24.74 14.90
C SER F 130 -0.72 25.90 15.88
#